data_7D1I
#
_entry.id   7D1I
#
_cell.length_a   182.909
_cell.length_b   182.909
_cell.length_c   156.549
_cell.angle_alpha   90.000
_cell.angle_beta   90.000
_cell.angle_gamma   90.000
#
_symmetry.space_group_name_H-M   'P 43 21 2'
#
_entity_poly.entity_id   1
_entity_poly.type   'polypeptide(L)'
_entity_poly.pdbx_seq_one_letter_code
;MTDSQQSKPKHVMMMAAGTGGHVFPALAVAKQLQQQGCQVSWLATPTGMENRLLKDQNIPIYQIDIQGVRGNGVIRKLAA
PFKILKATFSAMRYMKQLKVDAVAGFGGYVAGPGGLAARLLGIPVLIHEQNAVAGFTNAQLSRVAKVVCEAFPNTFPASE
KVVTTGNPVRREITDILSPKWRYDEREQADKPLNILIVGGSLGAKALNERLPPALKQLEVPLNIFHQCGQQQVEATQALY
ADAPANLTIQVLPFIEDMAKAYSEADLIICRAGALTVTEVATAGVAAVFVPLPIAVDDHQTANAKFLADIGAAKICQQST
MTPEVLNQLFTTLMNRQLLTEMAVKARQHAQPNATQHVVDLIQKM
;
_entity_poly.pdbx_strand_id   A,B,C
#
# COMPACT_ATOMS: atom_id res chain seq x y z
N PRO A 9 -42.69 -11.60 19.40
CA PRO A 9 -42.90 -13.03 19.17
C PRO A 9 -42.05 -13.53 18.01
N LYS A 10 -41.01 -12.76 17.66
CA LYS A 10 -40.18 -13.00 16.47
C LYS A 10 -38.70 -13.04 16.85
N HIS A 11 -37.96 -13.95 16.21
CA HIS A 11 -36.54 -14.20 16.48
C HIS A 11 -35.73 -13.87 15.23
N VAL A 12 -34.92 -12.80 15.27
CA VAL A 12 -34.07 -12.40 14.13
C VAL A 12 -32.62 -12.73 14.45
N MET A 13 -31.87 -13.19 13.46
CA MET A 13 -30.45 -13.40 13.65
C MET A 13 -29.69 -12.42 12.76
N MET A 14 -28.71 -11.75 13.33
CA MET A 14 -27.98 -10.71 12.63
C MET A 14 -26.66 -11.26 12.12
N MET A 15 -26.25 -10.81 10.92
CA MET A 15 -24.96 -11.17 10.35
C MET A 15 -24.23 -9.89 10.04
N ALA A 16 -23.14 -9.67 10.75
CA ALA A 16 -22.35 -8.47 10.51
C ALA A 16 -20.93 -8.85 10.86
N ALA A 17 -20.01 -8.47 10.00
CA ALA A 17 -18.62 -8.73 10.24
C ALA A 17 -18.01 -7.52 10.95
N GLY A 18 -17.18 -7.82 11.93
CA GLY A 18 -16.47 -6.83 12.70
C GLY A 18 -15.41 -6.00 11.99
N THR A 19 -14.66 -6.60 11.07
CA THR A 19 -13.56 -5.89 10.42
C THR A 19 -14.03 -4.66 9.68
N GLY A 20 -15.07 -4.80 8.89
CA GLY A 20 -15.65 -3.66 8.22
C GLY A 20 -16.59 -2.99 9.21
N GLY A 21 -16.97 -1.74 9.00
CA GLY A 21 -17.90 -1.15 9.96
C GLY A 21 -19.36 -1.48 9.68
N HIS A 22 -19.73 -2.75 9.83
CA HIS A 22 -21.08 -3.23 9.59
C HIS A 22 -21.71 -3.65 10.89
N VAL A 23 -20.88 -3.95 11.87
CA VAL A 23 -21.39 -4.36 13.16
C VAL A 23 -22.13 -3.19 13.77
N PHE A 24 -21.64 -1.98 13.56
CA PHE A 24 -22.28 -0.82 14.18
C PHE A 24 -23.68 -0.57 13.66
N PRO A 25 -23.94 -0.53 12.35
CA PRO A 25 -25.34 -0.38 11.91
C PRO A 25 -26.19 -1.56 12.32
N ALA A 26 -25.66 -2.76 12.20
CA ALA A 26 -26.40 -3.94 12.64
C ALA A 26 -26.72 -3.86 14.13
N LEU A 27 -25.76 -3.46 14.95
CA LEU A 27 -26.01 -3.42 16.39
C LEU A 27 -27.14 -2.47 16.72
N ALA A 28 -27.19 -1.31 16.04
CA ALA A 28 -28.26 -0.35 16.29
C ALA A 28 -29.64 -0.93 15.94
N VAL A 29 -29.74 -1.57 14.78
CA VAL A 29 -30.97 -2.22 14.37
C VAL A 29 -31.29 -3.38 15.30
N ALA A 30 -30.26 -4.09 15.77
CA ALA A 30 -30.48 -5.19 16.70
C ALA A 30 -31.04 -4.68 18.03
N LYS A 31 -30.47 -3.59 18.57
CA LYS A 31 -30.88 -3.10 19.88
C LYS A 31 -32.35 -2.69 19.89
N GLN A 32 -32.80 -2.02 18.83
CA GLN A 32 -34.22 -1.67 18.72
C GLN A 32 -35.11 -2.89 18.51
N LEU A 33 -34.64 -3.87 17.73
CA LEU A 33 -35.42 -5.09 17.61
C LEU A 33 -35.66 -5.72 18.97
N GLN A 34 -34.63 -5.76 19.83
CA GLN A 34 -34.80 -6.34 21.16
C GLN A 34 -35.87 -5.60 21.95
N GLN A 35 -35.76 -4.28 22.00
CA GLN A 35 -36.66 -3.47 22.80
C GLN A 35 -38.02 -3.34 22.16
N GLN A 36 -38.19 -3.75 20.91
CA GLN A 36 -39.51 -3.82 20.31
C GLN A 36 -40.14 -5.17 20.53
N GLY A 37 -39.66 -5.92 21.53
CA GLY A 37 -40.28 -7.17 21.93
C GLY A 37 -39.72 -8.39 21.23
N CYS A 38 -38.68 -8.23 20.42
CA CYS A 38 -38.05 -9.33 19.71
C CYS A 38 -36.92 -9.90 20.56
N GLN A 39 -36.34 -11.00 20.06
CA GLN A 39 -35.10 -11.56 20.56
C GLN A 39 -34.15 -11.67 19.37
N VAL A 40 -32.91 -11.22 19.55
CA VAL A 40 -31.98 -11.19 18.44
C VAL A 40 -30.80 -12.08 18.79
N SER A 41 -30.27 -12.74 17.76
CA SER A 41 -29.08 -13.54 17.87
C SER A 41 -28.11 -13.06 16.81
N TRP A 42 -26.82 -13.26 17.05
CA TRP A 42 -25.77 -12.81 16.17
C TRP A 42 -25.05 -14.02 15.60
N LEU A 43 -24.88 -14.05 14.28
CA LEU A 43 -24.07 -15.06 13.61
C LEU A 43 -22.74 -14.40 13.28
N ALA A 44 -21.67 -14.93 13.83
CA ALA A 44 -20.39 -14.27 13.70
C ALA A 44 -19.33 -15.35 13.56
N THR A 45 -18.14 -14.94 13.17
CA THR A 45 -17.00 -15.81 13.03
C THR A 45 -16.28 -15.92 14.37
N PRO A 46 -15.51 -16.99 14.60
CA PRO A 46 -14.75 -17.08 15.86
C PRO A 46 -13.54 -16.17 15.88
N THR A 47 -13.00 -15.83 14.74
CA THR A 47 -11.81 -15.02 14.67
C THR A 47 -12.10 -13.57 14.30
N GLY A 48 -13.35 -13.15 14.33
CA GLY A 48 -13.68 -11.80 13.95
C GLY A 48 -13.71 -10.85 15.12
N MET A 49 -13.56 -9.56 14.82
CA MET A 49 -13.52 -8.57 15.88
C MET A 49 -14.92 -8.25 16.39
N GLU A 50 -15.96 -8.65 15.66
CA GLU A 50 -17.32 -8.38 16.11
C GLU A 50 -17.55 -8.91 17.52
N ASN A 51 -16.84 -9.97 17.90
CA ASN A 51 -17.05 -10.57 19.23
C ASN A 51 -16.72 -9.59 20.35
N ARG A 52 -15.56 -8.93 20.24
CA ARG A 52 -15.18 -7.96 21.27
C ARG A 52 -16.13 -6.79 21.29
N LEU A 53 -16.60 -6.37 20.11
CA LEU A 53 -17.51 -5.23 20.07
C LEU A 53 -18.82 -5.59 20.74
N LEU A 54 -19.32 -6.81 20.55
CA LEU A 54 -20.56 -7.22 21.19
C LEU A 54 -20.35 -7.78 22.60
N LYS A 55 -19.13 -7.74 23.15
CA LYS A 55 -18.98 -8.17 24.53
C LYS A 55 -19.78 -7.21 25.40
N ASP A 56 -20.45 -7.77 26.41
CA ASP A 56 -21.27 -7.00 27.34
C ASP A 56 -22.46 -6.35 26.65
N GLN A 57 -22.85 -6.87 25.48
CA GLN A 57 -23.97 -6.36 24.70
C GLN A 57 -25.26 -7.14 24.87
N ASN A 58 -25.22 -8.25 25.60
CA ASN A 58 -26.44 -8.95 25.98
C ASN A 58 -27.22 -9.46 24.74
N ILE A 59 -26.50 -9.94 23.73
CA ILE A 59 -27.08 -10.78 22.68
C ILE A 59 -26.15 -11.97 22.45
N PRO A 60 -26.70 -13.18 22.35
CA PRO A 60 -25.84 -14.37 22.22
C PRO A 60 -25.21 -14.47 20.85
N ILE A 61 -23.93 -14.75 20.82
CA ILE A 61 -23.20 -14.86 19.56
C ILE A 61 -22.95 -16.33 19.30
N TYR A 62 -23.19 -16.77 18.07
CA TYR A 62 -23.02 -18.14 17.62
C TYR A 62 -22.02 -18.14 16.48
N GLN A 63 -21.03 -19.02 16.54
CA GLN A 63 -19.91 -18.92 15.63
C GLN A 63 -19.91 -19.99 14.54
N ILE A 64 -19.44 -19.59 13.35
CA ILE A 64 -19.19 -20.47 12.22
C ILE A 64 -17.77 -20.17 11.76
N ASP A 65 -17.13 -21.14 11.12
CA ASP A 65 -15.71 -21.06 10.81
C ASP A 65 -15.55 -20.86 9.31
N ILE A 66 -14.70 -19.91 8.92
CA ILE A 66 -14.52 -19.58 7.51
C ILE A 66 -13.08 -19.71 7.03
N GLN A 67 -12.08 -19.64 7.91
CA GLN A 67 -10.69 -19.73 7.50
C GLN A 67 -10.25 -21.18 7.33
N GLY A 68 -9.62 -21.48 6.19
CA GLY A 68 -9.14 -22.82 5.94
C GLY A 68 -8.07 -23.24 6.93
N VAL A 69 -8.24 -24.43 7.50
CA VAL A 69 -7.29 -24.99 8.47
C VAL A 69 -5.99 -25.46 7.80
N ARG A 70 -4.88 -25.45 8.54
CA ARG A 70 -3.66 -25.93 7.92
C ARG A 70 -2.49 -26.39 8.77
N GLY A 71 -1.81 -27.41 8.29
CA GLY A 71 -0.57 -27.90 8.85
C GLY A 71 -0.42 -28.26 10.31
N ASN A 72 -1.44 -28.82 10.94
CA ASN A 72 -1.27 -29.18 12.34
C ASN A 72 -0.23 -30.29 12.50
N GLY A 73 -0.29 -31.25 11.59
CA GLY A 73 0.55 -32.44 11.60
C GLY A 73 -0.25 -33.62 12.16
N VAL A 74 -1.33 -33.30 12.85
CA VAL A 74 -2.28 -34.26 13.37
C VAL A 74 -3.59 -34.09 12.61
N ILE A 75 -3.80 -32.90 12.05
CA ILE A 75 -4.97 -32.57 11.26
C ILE A 75 -4.47 -32.05 9.93
N ARG A 76 -4.94 -32.63 8.83
CA ARG A 76 -4.51 -32.20 7.51
C ARG A 76 -5.10 -30.85 7.10
N LYS A 77 -4.39 -30.12 6.25
CA LYS A 77 -4.88 -28.83 5.77
C LYS A 77 -6.25 -29.02 5.10
N LEU A 78 -7.22 -28.21 5.50
CA LEU A 78 -8.58 -28.27 4.95
C LEU A 78 -8.76 -27.03 4.11
N ALA A 79 -9.00 -27.21 2.82
CA ALA A 79 -9.08 -26.08 1.91
C ALA A 79 -10.13 -25.11 2.37
N ALA A 80 -9.86 -23.81 2.21
CA ALA A 80 -10.87 -22.82 2.55
C ALA A 80 -12.20 -23.12 1.85
N PRO A 81 -12.25 -23.46 0.57
CA PRO A 81 -13.56 -23.76 -0.06
C PRO A 81 -14.33 -24.92 0.55
N PHE A 82 -13.66 -25.89 1.17
CA PHE A 82 -14.39 -26.91 1.92
C PHE A 82 -15.02 -26.32 3.16
N LYS A 83 -14.29 -25.44 3.85
CA LYS A 83 -14.78 -24.84 5.08
C LYS A 83 -16.02 -23.98 4.83
N ILE A 84 -16.10 -23.31 3.68
CA ILE A 84 -17.27 -22.47 3.39
C ILE A 84 -18.54 -23.31 3.26
N LEU A 85 -18.42 -24.53 2.74
CA LEU A 85 -19.57 -25.41 2.72
C LEU A 85 -19.94 -25.83 4.14
N LYS A 86 -18.93 -26.17 4.97
CA LYS A 86 -19.16 -26.51 6.37
C LYS A 86 -19.82 -25.37 7.12
N ALA A 87 -19.35 -24.14 6.89
CA ALA A 87 -19.93 -22.99 7.56
C ALA A 87 -21.39 -22.82 7.21
N THR A 88 -21.76 -23.08 5.94
CA THR A 88 -23.16 -22.97 5.53
C THR A 88 -24.05 -23.92 6.33
N PHE A 89 -23.61 -25.17 6.51
CA PHE A 89 -24.36 -26.15 7.27
C PHE A 89 -24.22 -25.95 8.77
N SER A 90 -23.05 -25.53 9.22
CA SER A 90 -22.90 -25.17 10.63
C SER A 90 -23.91 -24.10 11.01
N ALA A 91 -24.00 -23.04 10.18
CA ALA A 91 -24.98 -21.98 10.41
C ALA A 91 -26.40 -22.49 10.21
N MET A 92 -26.63 -23.34 9.20
CA MET A 92 -27.98 -23.85 8.96
C MET A 92 -28.50 -24.60 10.19
N ARG A 93 -27.64 -25.42 10.82
CA ARG A 93 -28.05 -26.10 12.04
C ARG A 93 -28.38 -25.10 13.15
N TYR A 94 -27.60 -24.03 13.27
CA TYR A 94 -27.88 -23.00 14.28
C TYR A 94 -29.27 -22.40 14.11
N MET A 95 -29.64 -22.04 12.88
CA MET A 95 -30.94 -21.39 12.68
C MET A 95 -32.09 -22.35 12.94
N LYS A 96 -31.93 -23.61 12.57
CA LYS A 96 -32.99 -24.57 12.84
C LYS A 96 -33.09 -24.85 14.33
N GLN A 97 -31.96 -25.02 15.03
CA GLN A 97 -31.99 -25.27 16.47
C GLN A 97 -32.60 -24.10 17.21
N LEU A 98 -32.22 -22.89 16.87
CA LEU A 98 -32.71 -21.72 17.57
C LEU A 98 -34.05 -21.22 17.02
N LYS A 99 -34.59 -21.88 16.00
CA LYS A 99 -35.87 -21.52 15.38
C LYS A 99 -35.90 -20.05 15.01
N VAL A 100 -34.93 -19.66 14.18
CA VAL A 100 -34.82 -18.29 13.70
C VAL A 100 -35.93 -17.98 12.70
N ASP A 101 -36.61 -16.85 12.91
CA ASP A 101 -37.76 -16.44 12.12
C ASP A 101 -37.40 -15.54 10.95
N ALA A 102 -36.27 -14.83 11.04
CA ALA A 102 -35.77 -13.97 9.96
C ALA A 102 -34.29 -13.72 10.17
N VAL A 103 -33.59 -13.44 9.06
CA VAL A 103 -32.15 -13.27 9.07
C VAL A 103 -31.83 -11.96 8.37
N ALA A 104 -31.03 -11.10 9.03
CA ALA A 104 -30.69 -9.77 8.52
C ALA A 104 -29.18 -9.60 8.49
N GLY A 105 -28.62 -9.37 7.31
CA GLY A 105 -27.17 -9.34 7.21
C GLY A 105 -26.62 -8.06 6.64
N PHE A 106 -25.62 -7.49 7.31
CA PHE A 106 -25.14 -6.18 6.94
C PHE A 106 -23.84 -6.21 6.13
N GLY A 107 -23.43 -7.39 5.71
CA GLY A 107 -22.25 -7.51 4.87
C GLY A 107 -21.08 -8.10 5.64
N GLY A 108 -20.05 -8.40 4.88
CA GLY A 108 -18.94 -9.17 5.41
C GLY A 108 -19.04 -10.61 4.94
N TYR A 109 -18.01 -11.37 5.21
CA TYR A 109 -17.96 -12.71 4.62
C TYR A 109 -19.04 -13.59 5.25
N VAL A 110 -19.18 -13.54 6.57
CA VAL A 110 -20.06 -14.45 7.27
C VAL A 110 -21.50 -14.37 6.78
N ALA A 111 -21.94 -13.20 6.29
CA ALA A 111 -23.33 -13.06 5.83
C ALA A 111 -23.60 -13.97 4.64
N GLY A 112 -22.56 -14.32 3.89
CA GLY A 112 -22.67 -15.18 2.74
C GLY A 112 -23.08 -16.61 3.04
N PRO A 113 -22.28 -17.35 3.81
CA PRO A 113 -22.68 -18.71 4.17
C PRO A 113 -23.97 -18.72 4.93
N GLY A 114 -24.04 -17.89 5.97
CA GLY A 114 -25.24 -17.85 6.77
C GLY A 114 -26.46 -17.52 5.93
N GLY A 115 -26.28 -16.66 4.91
CA GLY A 115 -27.41 -16.28 4.08
C GLY A 115 -27.97 -17.44 3.27
N LEU A 116 -27.08 -18.25 2.69
CA LEU A 116 -27.53 -19.42 1.97
C LEU A 116 -28.23 -20.36 2.93
N ALA A 117 -27.66 -20.54 4.13
CA ALA A 117 -28.24 -21.42 5.13
C ALA A 117 -29.66 -21.02 5.48
N ALA A 118 -29.90 -19.72 5.66
CA ALA A 118 -31.26 -19.26 5.90
C ALA A 118 -32.17 -19.64 4.75
N ARG A 119 -31.75 -19.33 3.51
CA ARG A 119 -32.62 -19.60 2.37
C ARG A 119 -32.91 -21.09 2.22
N LEU A 120 -31.92 -21.94 2.52
CA LEU A 120 -32.15 -23.39 2.45
C LEU A 120 -33.23 -23.81 3.43
N LEU A 121 -33.26 -23.19 4.63
CA LEU A 121 -34.33 -23.40 5.60
C LEU A 121 -35.64 -22.73 5.21
N GLY A 122 -35.63 -21.76 4.30
CA GLY A 122 -36.85 -21.08 3.93
C GLY A 122 -37.06 -19.78 4.65
N ILE A 123 -36.14 -19.43 5.54
CA ILE A 123 -36.16 -18.18 6.31
C ILE A 123 -35.98 -17.00 5.36
N PRO A 124 -36.72 -15.90 5.51
CA PRO A 124 -36.52 -14.77 4.59
C PRO A 124 -35.30 -13.96 5.02
N VAL A 125 -34.65 -13.33 4.04
CA VAL A 125 -33.38 -12.64 4.29
C VAL A 125 -33.49 -11.16 3.93
N LEU A 126 -32.98 -10.31 4.83
CA LEU A 126 -32.78 -8.88 4.57
C LEU A 126 -31.29 -8.58 4.66
N ILE A 127 -30.78 -7.91 3.64
CA ILE A 127 -29.39 -7.46 3.61
C ILE A 127 -29.42 -5.95 3.62
N HIS A 128 -28.39 -5.35 4.20
CA HIS A 128 -28.27 -3.91 4.20
C HIS A 128 -26.85 -3.53 3.81
N GLU A 129 -26.68 -2.71 2.77
CA GLU A 129 -25.34 -2.34 2.34
C GLU A 129 -25.14 -0.87 2.68
N GLN A 130 -24.11 -0.59 3.48
CA GLN A 130 -23.88 0.76 3.97
C GLN A 130 -22.94 1.57 3.08
N ASN A 131 -22.45 1.01 1.98
CA ASN A 131 -21.60 1.76 1.07
C ASN A 131 -22.35 2.19 -0.20
N ALA A 132 -21.72 3.08 -0.94
CA ALA A 132 -22.28 3.57 -2.21
C ALA A 132 -22.03 2.62 -3.35
N VAL A 133 -20.99 1.79 -3.24
CA VAL A 133 -20.73 0.69 -4.17
C VAL A 133 -20.92 -0.63 -3.44
N ALA A 134 -21.72 -1.50 -4.02
CA ALA A 134 -22.12 -2.72 -3.34
C ALA A 134 -20.94 -3.67 -3.11
N GLY A 135 -20.79 -4.14 -1.87
CA GLY A 135 -19.79 -5.13 -1.56
C GLY A 135 -20.16 -6.51 -2.08
N PHE A 136 -19.14 -7.35 -2.28
CA PHE A 136 -19.33 -8.56 -3.08
C PHE A 136 -20.34 -9.52 -2.46
N THR A 137 -20.28 -9.77 -1.16
CA THR A 137 -21.21 -10.72 -0.58
C THR A 137 -22.65 -10.21 -0.66
N ASN A 138 -22.87 -8.90 -0.42
CA ASN A 138 -24.25 -8.41 -0.55
C ASN A 138 -24.74 -8.43 -2.00
N ALA A 139 -23.88 -8.20 -2.97
CA ALA A 139 -24.38 -8.18 -4.35
C ALA A 139 -24.90 -9.55 -4.77
N GLN A 140 -24.13 -10.60 -4.51
CA GLN A 140 -24.60 -11.95 -4.81
C GLN A 140 -25.84 -12.27 -3.99
N LEU A 141 -25.80 -11.99 -2.68
CA LEU A 141 -26.90 -12.35 -1.78
C LEU A 141 -28.20 -11.68 -2.18
N SER A 142 -28.11 -10.52 -2.83
CA SER A 142 -29.27 -9.75 -3.27
C SER A 142 -30.19 -10.54 -4.17
N ARG A 143 -29.66 -11.51 -4.93
CA ARG A 143 -30.54 -12.28 -5.80
C ARG A 143 -31.50 -13.17 -5.02
N VAL A 144 -31.15 -13.55 -3.80
CA VAL A 144 -31.98 -14.47 -3.03
C VAL A 144 -32.58 -13.83 -1.76
N ALA A 145 -32.41 -12.53 -1.56
CA ALA A 145 -32.96 -11.85 -0.38
C ALA A 145 -34.39 -11.38 -0.59
N LYS A 146 -35.19 -11.46 0.48
CA LYS A 146 -36.57 -10.97 0.42
C LYS A 146 -36.62 -9.45 0.35
N VAL A 147 -35.78 -8.75 1.12
CA VAL A 147 -35.75 -7.29 1.15
C VAL A 147 -34.31 -6.81 1.10
N VAL A 148 -34.01 -5.81 0.25
CA VAL A 148 -32.66 -5.30 0.08
C VAL A 148 -32.63 -3.83 0.45
N CYS A 149 -32.04 -3.51 1.58
CA CYS A 149 -31.87 -2.12 1.96
C CYS A 149 -30.55 -1.65 1.36
N GLU A 150 -30.58 -0.45 0.77
CA GLU A 150 -29.41 0.18 0.17
C GLU A 150 -29.18 1.53 0.82
N ALA A 151 -27.93 1.82 1.16
CA ALA A 151 -27.63 3.07 1.84
C ALA A 151 -27.86 4.27 0.94
N PHE A 152 -27.22 4.28 -0.21
CA PHE A 152 -27.21 5.42 -1.11
C PHE A 152 -28.05 5.11 -2.36
N PRO A 153 -28.54 6.13 -3.06
CA PRO A 153 -29.68 5.90 -3.97
C PRO A 153 -29.47 4.92 -5.11
N ASN A 154 -28.40 5.01 -5.89
CA ASN A 154 -28.27 4.04 -6.98
C ASN A 154 -27.20 3.00 -6.71
N THR A 155 -27.39 2.21 -5.66
CA THR A 155 -26.41 1.18 -5.34
C THR A 155 -26.83 -0.13 -5.95
N PHE A 156 -28.13 -0.38 -6.01
CA PHE A 156 -28.77 -1.53 -6.65
C PHE A 156 -29.85 -0.99 -7.56
N PRO A 157 -30.22 -1.78 -8.58
CA PRO A 157 -31.20 -1.40 -9.62
C PRO A 157 -32.72 -1.23 -9.38
N ALA A 158 -33.42 -2.16 -8.73
CA ALA A 158 -34.88 -2.05 -8.55
C ALA A 158 -35.48 -2.90 -7.44
N SER A 159 -36.67 -2.50 -7.00
CA SER A 159 -37.44 -3.19 -5.94
C SER A 159 -36.76 -3.37 -4.58
N GLU A 160 -36.01 -2.37 -4.14
CA GLU A 160 -35.35 -2.40 -2.85
C GLU A 160 -35.48 -1.03 -2.19
N LYS A 161 -35.67 -1.01 -0.87
CA LYS A 161 -35.79 0.23 -0.14
C LYS A 161 -34.45 0.93 -0.03
N VAL A 162 -34.46 2.26 0.06
CA VAL A 162 -33.23 3.05 0.16
C VAL A 162 -33.19 3.79 1.50
N VAL A 163 -32.48 3.21 2.48
CA VAL A 163 -32.46 3.68 3.85
C VAL A 163 -31.07 3.44 4.43
N THR A 164 -30.44 4.45 5.04
CA THR A 164 -29.15 4.22 5.71
C THR A 164 -29.19 4.67 7.15
N THR A 165 -28.43 3.99 7.99
CA THR A 165 -28.28 4.49 9.33
C THR A 165 -27.38 5.67 9.14
N ILE A 176 -29.02 10.93 18.59
CA ILE A 176 -28.16 12.12 18.55
C ILE A 176 -27.88 12.54 17.09
N LEU A 177 -28.86 12.21 16.27
CA LEU A 177 -29.16 12.90 15.01
C LEU A 177 -29.82 14.25 15.23
N SER A 178 -29.69 14.87 16.40
CA SER A 178 -30.44 16.09 16.67
C SER A 178 -29.68 17.42 16.52
N PRO A 179 -28.48 17.49 15.89
CA PRO A 179 -27.94 18.81 15.49
C PRO A 179 -28.98 19.60 14.70
N LYS A 180 -29.10 20.86 15.06
CA LYS A 180 -30.12 21.73 14.49
C LYS A 180 -29.86 21.95 13.03
N TRP A 181 -30.85 22.51 12.35
CA TRP A 181 -30.76 22.74 10.93
C TRP A 181 -29.56 23.60 10.59
N ARG A 182 -28.97 23.31 9.44
CA ARG A 182 -27.73 23.94 9.06
C ARG A 182 -27.75 25.46 9.02
N TYR A 183 -28.79 26.09 8.49
CA TYR A 183 -28.76 27.54 8.50
C TYR A 183 -28.80 28.13 9.90
N ASP A 184 -29.66 27.63 10.77
CA ASP A 184 -29.73 28.20 12.11
C ASP A 184 -28.44 28.01 12.87
N GLU A 185 -27.89 26.80 12.83
CA GLU A 185 -26.66 26.51 13.52
C GLU A 185 -25.51 27.21 12.85
N ARG A 186 -25.70 27.53 11.58
CA ARG A 186 -24.65 28.14 10.78
C ARG A 186 -24.69 29.66 10.79
N GLU A 187 -25.82 30.26 11.16
CA GLU A 187 -25.95 31.72 11.13
C GLU A 187 -25.27 32.28 12.37
N GLN A 188 -24.00 32.67 12.22
CA GLN A 188 -23.17 33.12 13.32
C GLN A 188 -22.63 34.52 13.09
N ALA A 189 -22.86 35.38 14.08
CA ALA A 189 -22.38 36.76 14.06
C ALA A 189 -20.91 36.83 14.52
N ASP A 190 -20.05 37.09 13.56
CA ASP A 190 -18.60 37.23 13.74
C ASP A 190 -17.85 36.04 14.34
N LYS A 191 -18.31 34.84 14.06
CA LYS A 191 -17.64 33.67 14.58
C LYS A 191 -16.39 33.38 13.77
N PRO A 192 -15.40 32.75 14.39
CA PRO A 192 -14.17 32.30 13.71
C PRO A 192 -14.56 31.06 12.89
N LEU A 193 -13.82 30.72 11.86
CA LEU A 193 -14.27 29.62 11.01
C LEU A 193 -14.50 28.24 11.64
N ASN A 194 -13.81 27.91 12.73
CA ASN A 194 -14.03 26.64 13.44
C ASN A 194 -13.95 25.34 12.63
N ILE A 195 -12.88 25.15 11.87
CA ILE A 195 -12.68 23.94 11.08
C ILE A 195 -12.48 22.70 11.96
N LEU A 196 -12.94 21.55 11.51
CA LEU A 196 -12.80 20.30 12.24
C LEU A 196 -12.11 19.20 11.45
N ILE A 197 -11.14 18.55 12.07
CA ILE A 197 -10.40 17.47 11.43
C ILE A 197 -10.46 16.22 12.28
N VAL A 198 -11.09 15.17 11.76
CA VAL A 198 -11.20 13.92 12.51
C VAL A 198 -10.48 12.79 11.73
N GLY A 199 -9.41 12.26 12.32
CA GLY A 199 -8.57 11.20 11.78
C GLY A 199 -8.94 9.75 12.06
N GLY A 200 -9.95 9.49 12.88
CA GLY A 200 -10.35 8.14 13.23
C GLY A 200 -10.02 7.79 14.67
N SER A 201 -10.50 6.60 15.07
CA SER A 201 -10.10 6.03 16.35
C SER A 201 -8.59 5.83 16.42
N LEU A 202 -7.97 5.52 15.27
CA LEU A 202 -6.54 5.27 15.22
C LEU A 202 -5.73 6.50 14.85
N GLY A 203 -6.36 7.46 14.16
CA GLY A 203 -5.67 8.65 13.69
C GLY A 203 -5.07 8.46 12.30
N ALA A 204 -5.43 9.33 11.38
CA ALA A 204 -5.01 9.19 9.99
C ALA A 204 -3.68 9.92 9.83
N LYS A 205 -2.58 9.16 9.74
CA LYS A 205 -1.26 9.80 9.64
C LYS A 205 -1.27 10.83 8.53
N ALA A 206 -1.92 10.51 7.40
CA ALA A 206 -1.87 11.37 6.24
C ALA A 206 -2.51 12.73 6.49
N LEU A 207 -3.54 12.78 7.35
CA LEU A 207 -4.19 14.04 7.73
C LEU A 207 -3.42 14.84 8.77
N ASN A 208 -2.87 14.15 9.78
CA ASN A 208 -2.18 14.83 10.87
C ASN A 208 -0.93 15.59 10.42
N GLU A 209 -0.16 15.05 9.47
CA GLU A 209 0.91 15.79 8.81
C GLU A 209 0.40 16.31 7.47
N ARG A 210 1.03 17.38 6.97
CA ARG A 210 0.70 18.01 5.69
C ARG A 210 -0.68 18.72 5.66
N LEU A 211 -1.51 18.53 6.69
CA LEU A 211 -2.74 19.34 6.79
C LEU A 211 -2.44 20.66 7.52
N PRO A 212 -1.81 20.63 8.71
CA PRO A 212 -1.41 21.89 9.39
C PRO A 212 -0.57 22.80 8.50
N PRO A 213 0.39 22.27 7.73
CA PRO A 213 1.15 23.18 6.85
C PRO A 213 0.27 24.07 5.97
N ALA A 214 -0.76 23.53 5.32
CA ALA A 214 -1.54 24.37 4.42
C ALA A 214 -2.60 25.15 5.15
N LEU A 215 -2.91 24.78 6.40
CA LEU A 215 -3.89 25.52 7.18
C LEU A 215 -3.28 26.79 7.77
N LYS A 216 -2.06 26.70 8.32
CA LYS A 216 -1.33 27.81 8.91
C LYS A 216 -0.68 28.70 7.87
N GLN A 217 -1.04 28.50 6.60
CA GLN A 217 -0.71 29.40 5.50
C GLN A 217 -1.96 30.14 4.99
N LEU A 218 -3.02 30.15 5.78
CA LEU A 218 -4.25 30.84 5.40
C LEU A 218 -4.27 32.18 6.14
N GLU A 219 -4.56 33.25 5.41
CA GLU A 219 -4.51 34.58 6.01
C GLU A 219 -5.81 35.00 6.68
N VAL A 220 -6.76 34.10 6.84
CA VAL A 220 -8.05 34.45 7.44
C VAL A 220 -8.04 33.92 8.86
N PRO A 221 -8.82 34.46 9.80
CA PRO A 221 -8.80 33.93 11.17
C PRO A 221 -9.69 32.71 11.30
N LEU A 222 -9.12 31.57 11.72
CA LEU A 222 -9.86 30.31 11.91
C LEU A 222 -9.62 29.76 13.32
N ASN A 223 -10.43 28.76 13.68
CA ASN A 223 -10.36 28.07 14.97
C ASN A 223 -10.32 26.56 14.73
N ILE A 224 -9.10 25.99 14.75
CA ILE A 224 -8.87 24.61 14.38
C ILE A 224 -9.06 23.73 15.60
N PHE A 225 -9.89 22.69 15.48
CA PHE A 225 -10.02 21.61 16.44
C PHE A 225 -9.64 20.34 15.71
N HIS A 226 -8.48 19.75 16.05
CA HIS A 226 -7.82 18.68 15.29
C HIS A 226 -7.72 17.40 16.11
N GLN A 227 -8.20 16.29 15.54
CA GLN A 227 -8.11 14.97 16.17
C GLN A 227 -7.03 14.13 15.50
N CYS A 228 -5.94 13.88 16.22
CA CYS A 228 -4.82 13.15 15.64
C CYS A 228 -4.86 11.66 15.94
N GLY A 229 -5.46 11.25 17.06
CA GLY A 229 -5.36 9.87 17.48
C GLY A 229 -4.27 9.64 18.53
N GLN A 230 -4.44 8.56 19.27
CA GLN A 230 -3.61 8.29 20.44
C GLN A 230 -2.14 8.23 20.08
N GLN A 231 -1.29 8.58 21.06
CA GLN A 231 0.16 8.56 20.93
C GLN A 231 0.70 9.31 19.73
N GLN A 232 -0.15 10.03 19.02
CA GLN A 232 0.28 10.89 17.94
C GLN A 232 0.11 12.37 18.28
N VAL A 233 -0.24 12.69 19.53
CA VAL A 233 -0.60 14.07 19.88
C VAL A 233 0.64 14.96 19.79
N GLU A 234 1.76 14.50 20.35
CA GLU A 234 2.95 15.35 20.32
C GLU A 234 3.32 15.67 18.89
N ALA A 235 3.23 14.68 18.00
CA ALA A 235 3.76 14.83 16.65
C ALA A 235 3.04 15.94 15.89
N THR A 236 1.69 15.94 15.93
CA THR A 236 0.93 16.92 15.16
C THR A 236 0.92 18.28 15.86
N GLN A 237 0.96 18.29 17.19
CA GLN A 237 1.05 19.53 17.94
C GLN A 237 2.30 20.32 17.57
N ALA A 238 3.38 19.63 17.20
CA ALA A 238 4.60 20.29 16.73
C ALA A 238 4.39 21.00 15.39
N LEU A 239 3.68 20.35 14.45
CA LEU A 239 3.49 20.92 13.12
C LEU A 239 2.74 22.25 13.17
N TYR A 240 1.80 22.32 14.10
CA TYR A 240 0.96 23.50 14.32
C TYR A 240 1.64 24.74 14.88
N ALA A 241 2.60 24.53 15.76
CA ALA A 241 3.27 25.60 16.49
C ALA A 241 4.06 26.65 15.72
N ASP A 242 4.47 26.36 14.50
CA ASP A 242 5.31 27.33 13.80
C ASP A 242 4.75 28.73 13.57
N ALA A 243 3.50 28.87 13.13
CA ALA A 243 2.99 30.23 12.89
C ALA A 243 1.50 30.45 13.12
N PRO A 244 1.04 30.36 14.35
CA PRO A 244 -0.40 30.58 14.58
C PRO A 244 -0.73 32.05 14.82
N ALA A 245 -0.51 32.90 13.82
CA ALA A 245 -0.80 34.32 13.99
C ALA A 245 -2.26 34.69 14.16
N ASN A 246 -3.12 34.12 13.33
CA ASN A 246 -4.52 34.49 13.38
C ASN A 246 -5.41 33.28 13.65
N LEU A 247 -4.80 32.11 13.86
CA LEU A 247 -5.51 30.87 14.09
C LEU A 247 -5.27 30.41 15.53
N THR A 248 -6.34 29.96 16.18
CA THR A 248 -6.29 29.37 17.51
C THR A 248 -6.55 27.88 17.31
N ILE A 249 -5.52 27.06 17.53
CA ILE A 249 -5.52 25.63 17.27
C ILE A 249 -5.58 24.86 18.58
N GLN A 250 -6.28 23.73 18.58
CA GLN A 250 -6.28 22.79 19.69
C GLN A 250 -6.13 21.36 19.13
N VAL A 251 -5.20 20.59 19.71
CA VAL A 251 -4.99 19.21 19.30
C VAL A 251 -5.47 18.26 20.41
N LEU A 252 -6.25 17.27 20.02
CA LEU A 252 -6.87 16.30 20.92
C LEU A 252 -6.71 14.91 20.34
N PRO A 253 -6.64 13.87 21.18
CA PRO A 253 -6.53 12.50 20.66
C PRO A 253 -7.84 11.98 20.08
N PHE A 254 -8.93 12.07 20.86
CA PHE A 254 -10.25 11.68 20.39
C PHE A 254 -11.27 12.70 20.89
N ILE A 255 -12.43 12.72 20.25
CA ILE A 255 -13.50 13.66 20.56
C ILE A 255 -14.49 12.97 21.49
N GLU A 256 -14.63 13.53 22.68
CA GLU A 256 -15.55 12.97 23.68
C GLU A 256 -16.99 13.01 23.17
N ASP A 257 -17.40 14.17 22.64
CA ASP A 257 -18.76 14.50 22.17
C ASP A 257 -18.68 14.79 20.67
N MET A 258 -18.97 13.79 19.84
CA MET A 258 -18.91 14.02 18.41
C MET A 258 -20.06 14.89 17.96
N ALA A 259 -21.20 14.79 18.64
CA ALA A 259 -22.40 15.52 18.22
C ALA A 259 -22.23 17.02 18.32
N LYS A 260 -21.73 17.52 19.47
CA LYS A 260 -21.45 18.94 19.60
C LYS A 260 -20.34 19.35 18.65
N ALA A 261 -19.29 18.53 18.55
CA ALA A 261 -18.18 18.84 17.67
C ALA A 261 -18.64 18.99 16.22
N TYR A 262 -19.70 18.26 15.84
CA TYR A 262 -20.27 18.41 14.51
C TYR A 262 -20.98 19.75 14.34
N SER A 263 -21.94 20.07 15.23
CA SER A 263 -22.78 21.26 15.04
C SER A 263 -21.93 22.52 14.95
N GLU A 264 -20.94 22.64 15.84
CA GLU A 264 -20.08 23.80 15.90
C GLU A 264 -19.17 23.90 14.67
N ALA A 265 -18.91 22.77 14.00
CA ALA A 265 -17.97 22.72 12.88
C ALA A 265 -18.56 23.34 11.63
N ASP A 266 -17.84 24.31 11.05
CA ASP A 266 -18.26 24.98 9.82
C ASP A 266 -17.71 24.29 8.59
N LEU A 267 -16.52 23.69 8.68
CA LEU A 267 -15.97 22.80 7.65
C LEU A 267 -15.38 21.58 8.34
N ILE A 268 -15.68 20.38 7.84
CA ILE A 268 -15.10 19.16 8.38
C ILE A 268 -14.24 18.55 7.29
N ILE A 269 -13.09 18.06 7.69
CA ILE A 269 -12.17 17.36 6.81
C ILE A 269 -11.93 16.00 7.46
N CYS A 270 -12.20 14.93 6.74
CA CYS A 270 -12.17 13.63 7.39
C CYS A 270 -12.19 12.55 6.33
N ARG A 271 -11.89 11.32 6.78
CA ARG A 271 -12.02 10.17 5.90
C ARG A 271 -13.48 10.03 5.50
N ALA A 272 -13.67 9.58 4.25
CA ALA A 272 -15.02 9.48 3.71
C ALA A 272 -15.83 8.45 4.48
N GLY A 273 -15.22 7.36 4.91
CA GLY A 273 -15.87 6.40 5.77
C GLY A 273 -17.20 5.99 5.20
N ALA A 274 -17.93 5.10 5.87
CA ALA A 274 -19.28 4.76 5.44
C ALA A 274 -20.28 5.51 6.30
N LEU A 275 -20.18 5.31 7.61
CA LEU A 275 -21.06 5.95 8.57
C LEU A 275 -20.74 7.42 8.72
N THR A 276 -19.48 7.80 8.49
CA THR A 276 -19.08 9.21 8.59
C THR A 276 -19.69 10.05 7.46
N VAL A 277 -19.86 9.50 6.26
CA VAL A 277 -20.61 10.25 5.26
C VAL A 277 -22.04 10.47 5.76
N THR A 278 -22.62 9.43 6.36
CA THR A 278 -23.99 9.51 6.89
C THR A 278 -24.11 10.53 8.03
N GLU A 279 -23.07 10.63 8.87
CA GLU A 279 -23.09 11.62 9.96
C GLU A 279 -22.91 13.03 9.42
N VAL A 280 -21.96 13.23 8.51
CA VAL A 280 -21.78 14.54 7.90
C VAL A 280 -23.05 14.95 7.16
N ALA A 281 -23.74 14.00 6.55
CA ALA A 281 -24.98 14.33 5.86
C ALA A 281 -26.12 14.60 6.83
N THR A 282 -26.29 13.73 7.83
CA THR A 282 -27.43 13.82 8.76
C THR A 282 -27.36 15.04 9.68
N ALA A 283 -26.18 15.61 9.89
CA ALA A 283 -26.06 16.82 10.69
C ALA A 283 -25.99 18.08 9.85
N GLY A 284 -25.66 17.94 8.57
CA GLY A 284 -25.44 19.04 7.65
C GLY A 284 -24.19 19.87 7.89
N VAL A 285 -23.05 19.31 7.53
CA VAL A 285 -21.77 19.97 7.64
C VAL A 285 -21.11 19.95 6.29
N ALA A 286 -20.59 21.09 5.85
CA ALA A 286 -19.78 21.09 4.66
C ALA A 286 -18.54 20.28 4.96
N ALA A 287 -18.16 19.43 4.03
CA ALA A 287 -17.12 18.45 4.31
C ALA A 287 -16.07 18.46 3.20
N VAL A 288 -14.82 18.24 3.56
CA VAL A 288 -13.81 17.90 2.59
C VAL A 288 -13.38 16.47 2.88
N PHE A 289 -13.81 15.54 2.03
CA PHE A 289 -13.57 14.13 2.24
C PHE A 289 -12.22 13.80 1.62
N VAL A 290 -11.36 13.18 2.41
CA VAL A 290 -10.07 12.73 1.90
C VAL A 290 -10.11 11.21 1.95
N PRO A 291 -10.74 10.56 0.96
CA PRO A 291 -11.10 9.15 1.13
C PRO A 291 -9.91 8.24 1.31
N LEU A 292 -10.16 7.13 2.00
CA LEU A 292 -9.15 6.14 2.33
C LEU A 292 -8.44 5.57 1.10
N PRO A 293 -7.12 5.49 1.11
CA PRO A 293 -6.38 5.02 -0.07
C PRO A 293 -6.49 3.51 -0.20
N ILE A 294 -6.50 3.06 -1.48
CA ILE A 294 -6.64 1.67 -1.92
C ILE A 294 -7.83 0.99 -1.21
N ALA A 295 -8.95 1.72 -1.08
CA ALA A 295 -10.16 1.09 -0.61
C ALA A 295 -10.63 0.09 -1.65
N VAL A 296 -11.37 -0.93 -1.22
CA VAL A 296 -11.40 -2.17 -1.98
C VAL A 296 -12.02 -1.95 -3.37
N ASP A 297 -13.20 -1.31 -3.44
CA ASP A 297 -13.80 -0.89 -4.71
C ASP A 297 -13.75 0.62 -4.84
N ASP A 298 -12.68 1.23 -4.30
CA ASP A 298 -12.53 2.67 -4.05
C ASP A 298 -13.75 3.23 -3.32
N HIS A 299 -14.48 2.32 -2.66
CA HIS A 299 -15.78 2.61 -2.08
C HIS A 299 -15.80 3.87 -1.21
N GLN A 300 -14.69 4.25 -0.59
CA GLN A 300 -14.74 5.47 0.20
C GLN A 300 -14.91 6.69 -0.70
N THR A 301 -14.29 6.69 -1.88
CA THR A 301 -14.55 7.77 -2.83
C THR A 301 -16.00 7.77 -3.27
N ALA A 302 -16.58 6.59 -3.47
CA ALA A 302 -17.97 6.53 -3.90
C ALA A 302 -18.90 7.03 -2.81
N ASN A 303 -18.59 6.71 -1.55
CA ASN A 303 -19.38 7.24 -0.46
C ASN A 303 -19.32 8.75 -0.46
N ALA A 304 -18.12 9.30 -0.60
CA ALA A 304 -17.91 10.75 -0.63
C ALA A 304 -18.47 11.38 -1.90
N LYS A 305 -18.36 10.70 -3.04
CA LYS A 305 -18.94 11.26 -4.25
C LYS A 305 -20.44 11.43 -4.11
N PHE A 306 -21.08 10.78 -3.14
CA PHE A 306 -22.51 11.00 -2.96
C PHE A 306 -22.79 12.46 -2.66
N LEU A 307 -22.16 13.01 -1.61
CA LEU A 307 -22.34 14.42 -1.24
C LEU A 307 -21.58 15.35 -2.19
N ALA A 308 -20.49 14.86 -2.78
CA ALA A 308 -19.67 15.71 -3.65
C ALA A 308 -20.43 16.10 -4.93
N ASP A 309 -21.11 15.13 -5.55
CA ASP A 309 -21.76 15.33 -6.84
C ASP A 309 -22.99 16.21 -6.73
N ILE A 310 -23.67 16.14 -5.58
CA ILE A 310 -24.82 16.96 -5.27
C ILE A 310 -24.41 18.39 -4.87
N GLY A 311 -23.14 18.58 -4.52
CA GLY A 311 -22.61 19.89 -4.27
C GLY A 311 -22.52 20.27 -2.82
N ALA A 312 -22.28 19.32 -1.93
CA ALA A 312 -22.19 19.62 -0.51
C ALA A 312 -20.84 19.31 0.10
N ALA A 313 -19.93 18.73 -0.65
CA ALA A 313 -18.61 18.33 -0.16
C ALA A 313 -17.66 18.31 -1.33
N LYS A 314 -16.39 18.59 -1.04
CA LYS A 314 -15.33 18.43 -2.01
C LYS A 314 -14.53 17.20 -1.61
N ILE A 315 -13.96 16.48 -2.57
CA ILE A 315 -13.15 15.32 -2.24
C ILE A 315 -11.75 15.60 -2.75
N CYS A 316 -10.77 15.44 -1.86
CA CYS A 316 -9.36 15.73 -2.13
C CYS A 316 -8.52 14.50 -1.81
N GLN A 317 -8.05 13.82 -2.84
CA GLN A 317 -7.34 12.55 -2.72
C GLN A 317 -5.97 12.75 -2.07
N GLN A 318 -5.52 11.80 -1.22
CA GLN A 318 -4.20 11.94 -0.63
C GLN A 318 -3.12 11.87 -1.71
N SER A 319 -3.26 10.90 -2.62
CA SER A 319 -2.21 10.57 -3.57
C SER A 319 -1.80 11.79 -4.40
N THR A 320 -2.77 12.54 -4.90
CA THR A 320 -2.47 13.67 -5.75
C THR A 320 -2.19 14.95 -4.97
N MET A 321 -2.31 14.91 -3.64
CA MET A 321 -2.33 16.10 -2.79
C MET A 321 -0.96 16.66 -2.42
N THR A 322 -0.78 17.93 -2.72
CA THR A 322 0.45 18.69 -2.57
C THR A 322 0.16 19.97 -1.79
N PRO A 323 1.20 20.66 -1.31
CA PRO A 323 0.95 21.95 -0.65
C PRO A 323 0.12 22.91 -1.48
N GLU A 324 0.30 22.92 -2.80
CA GLU A 324 -0.40 23.89 -3.64
C GLU A 324 -1.87 23.53 -3.86
N VAL A 325 -2.17 22.24 -4.07
CA VAL A 325 -3.57 21.90 -4.34
C VAL A 325 -4.38 22.07 -3.06
N LEU A 326 -3.75 21.87 -1.90
CA LEU A 326 -4.42 22.11 -0.64
C LEU A 326 -4.82 23.58 -0.50
N ASN A 327 -3.87 24.49 -0.71
CA ASN A 327 -4.14 25.91 -0.54
C ASN A 327 -5.18 26.41 -1.56
N GLN A 328 -5.14 25.91 -2.79
CA GLN A 328 -6.11 26.36 -3.78
C GLN A 328 -7.53 25.90 -3.45
N LEU A 329 -7.65 24.73 -2.82
CA LEU A 329 -8.92 24.26 -2.31
C LEU A 329 -9.45 25.09 -1.15
N PHE A 330 -8.58 25.37 -0.14
CA PHE A 330 -9.00 26.12 1.04
C PHE A 330 -9.29 27.58 0.70
N THR A 331 -8.44 28.18 -0.15
CA THR A 331 -8.63 29.56 -0.57
C THR A 331 -10.07 29.79 -0.99
N THR A 332 -10.64 28.88 -1.76
CA THR A 332 -12.04 29.02 -2.12
C THR A 332 -12.99 28.47 -1.07
N LEU A 333 -12.50 27.70 -0.10
CA LEU A 333 -13.41 27.06 0.83
C LEU A 333 -13.56 27.83 2.14
N MET A 334 -12.78 28.89 2.34
CA MET A 334 -12.77 29.61 3.60
C MET A 334 -13.88 30.64 3.70
N ASN A 335 -14.85 30.62 2.79
CA ASN A 335 -16.01 31.51 2.80
C ASN A 335 -17.20 30.86 3.51
N ARG A 336 -17.73 31.51 4.55
CA ARG A 336 -18.86 30.95 5.32
C ARG A 336 -20.16 30.89 4.52
N GLN A 337 -20.32 31.80 3.55
CA GLN A 337 -21.52 31.70 2.71
C GLN A 337 -21.52 30.37 1.96
N LEU A 338 -20.34 29.98 1.47
CA LEU A 338 -20.19 28.73 0.75
C LEU A 338 -20.41 27.52 1.67
N LEU A 339 -19.82 27.54 2.87
CA LEU A 339 -19.94 26.39 3.76
C LEU A 339 -21.40 26.15 4.13
N THR A 340 -22.17 27.21 4.34
CA THR A 340 -23.58 27.05 4.63
C THR A 340 -24.32 26.47 3.43
N GLU A 341 -24.09 27.04 2.24
CA GLU A 341 -24.71 26.53 1.03
C GLU A 341 -24.40 25.05 0.83
N MET A 342 -23.16 24.64 1.14
CA MET A 342 -22.77 23.24 1.08
C MET A 342 -23.53 22.43 2.13
N ALA A 343 -23.51 22.90 3.38
CA ALA A 343 -24.08 22.13 4.48
C ALA A 343 -25.56 21.92 4.29
N VAL A 344 -26.24 22.90 3.70
CA VAL A 344 -27.67 22.75 3.42
C VAL A 344 -27.90 21.66 2.38
N LYS A 345 -27.11 21.66 1.30
CA LYS A 345 -27.29 20.63 0.28
C LYS A 345 -27.07 19.26 0.87
N ALA A 346 -26.09 19.14 1.79
CA ALA A 346 -25.81 17.85 2.42
C ALA A 346 -26.96 17.39 3.28
N ARG A 347 -27.52 18.31 4.08
CA ARG A 347 -28.60 17.90 4.97
C ARG A 347 -29.87 17.55 4.20
N GLN A 348 -30.08 18.15 3.03
CA GLN A 348 -31.27 17.81 2.25
C GLN A 348 -31.30 16.34 1.88
N HIS A 349 -30.18 15.80 1.43
CA HIS A 349 -30.16 14.44 0.95
C HIS A 349 -29.91 13.43 2.07
N ALA A 350 -30.24 13.76 3.30
CA ALA A 350 -29.96 12.90 4.44
C ALA A 350 -31.20 12.14 4.84
N GLN A 351 -31.02 10.90 5.28
CA GLN A 351 -32.13 10.05 5.68
C GLN A 351 -32.08 9.74 7.16
N PRO A 352 -32.75 10.50 8.00
CA PRO A 352 -32.73 10.18 9.42
C PRO A 352 -33.87 9.24 9.72
N ASN A 353 -33.99 8.83 10.98
CA ASN A 353 -35.00 7.86 11.35
C ASN A 353 -34.98 6.67 10.41
N ALA A 354 -33.81 6.26 9.94
CA ALA A 354 -33.76 5.12 9.04
C ALA A 354 -33.39 3.84 9.77
N THR A 355 -32.64 3.96 10.87
CA THR A 355 -32.41 2.83 11.75
C THR A 355 -33.75 2.21 12.12
N GLN A 356 -34.76 3.06 12.39
CA GLN A 356 -36.12 2.61 12.65
C GLN A 356 -36.79 2.08 11.37
N HIS A 357 -36.37 2.58 10.22
CA HIS A 357 -36.92 2.12 8.94
C HIS A 357 -36.47 0.70 8.62
N VAL A 358 -35.21 0.37 8.94
CA VAL A 358 -34.72 -0.98 8.69
C VAL A 358 -35.38 -1.97 9.64
N VAL A 359 -35.57 -1.60 10.91
CA VAL A 359 -36.22 -2.50 11.86
C VAL A 359 -37.60 -2.89 11.35
N ASP A 360 -38.33 -1.91 10.81
CA ASP A 360 -39.67 -2.21 10.32
C ASP A 360 -39.64 -3.19 9.17
N LEU A 361 -38.72 -3.01 8.21
CA LEU A 361 -38.67 -3.90 7.05
C LEU A 361 -38.46 -5.35 7.49
N ILE A 362 -37.60 -5.56 8.49
CA ILE A 362 -37.30 -6.90 8.99
C ILE A 362 -38.55 -7.58 9.49
N GLN A 363 -39.36 -6.85 10.26
CA GLN A 363 -40.51 -7.46 10.91
C GLN A 363 -41.56 -7.93 9.90
N LYS A 364 -41.78 -7.17 8.82
CA LYS A 364 -42.71 -7.59 7.77
C LYS A 364 -42.00 -8.45 6.71
N MET A 365 -41.74 -9.70 7.09
CA MET A 365 -41.04 -10.65 6.23
C MET A 365 -41.60 -12.02 6.55
N PRO B 9 18.01 15.83 -33.31
CA PRO B 9 16.64 15.31 -33.18
C PRO B 9 16.31 14.98 -31.73
N LYS B 10 15.09 15.25 -31.26
CA LYS B 10 14.76 15.01 -29.86
C LYS B 10 14.43 13.55 -29.68
N HIS B 11 14.93 12.98 -28.58
CA HIS B 11 14.88 11.55 -28.26
C HIS B 11 13.95 11.36 -27.06
N VAL B 12 12.76 10.81 -27.30
CA VAL B 12 11.83 10.56 -26.21
C VAL B 12 11.82 9.05 -25.96
N MET B 13 11.76 8.67 -24.69
CA MET B 13 11.68 7.29 -24.26
C MET B 13 10.30 7.05 -23.71
N MET B 14 9.67 5.95 -24.13
CA MET B 14 8.32 5.62 -23.73
C MET B 14 8.34 4.56 -22.63
N MET B 15 7.36 4.64 -21.73
CA MET B 15 7.17 3.65 -20.68
C MET B 15 5.74 3.18 -20.64
N ALA B 16 5.53 1.90 -20.90
CA ALA B 16 4.19 1.35 -20.88
C ALA B 16 4.29 -0.10 -20.51
N ALA B 17 3.37 -0.55 -19.68
CA ALA B 17 3.26 -1.97 -19.35
C ALA B 17 2.21 -2.58 -20.26
N GLY B 18 2.44 -3.81 -20.69
CA GLY B 18 1.53 -4.40 -21.67
C GLY B 18 0.18 -4.74 -21.07
N THR B 19 0.18 -5.23 -19.82
CA THR B 19 -1.04 -5.58 -19.10
C THR B 19 -1.77 -4.30 -18.68
N GLY B 20 -3.06 -4.22 -19.00
CA GLY B 20 -3.80 -3.00 -18.77
C GLY B 20 -3.87 -2.11 -19.98
N GLY B 21 -3.39 -2.58 -21.14
CA GLY B 21 -3.49 -1.86 -22.41
C GLY B 21 -2.95 -0.46 -22.40
N HIS B 22 -1.77 -0.28 -21.81
CA HIS B 22 -1.14 1.03 -21.79
C HIS B 22 -0.35 1.28 -23.06
N VAL B 23 0.07 0.21 -23.74
CA VAL B 23 0.93 0.32 -24.90
C VAL B 23 0.16 0.91 -26.08
N PHE B 24 -1.11 0.54 -26.21
CA PHE B 24 -1.88 0.94 -27.39
C PHE B 24 -2.04 2.44 -27.48
N PRO B 25 -2.40 3.16 -26.41
CA PRO B 25 -2.30 4.63 -26.49
C PRO B 25 -0.86 5.11 -26.59
N ALA B 26 0.05 4.54 -25.80
CA ALA B 26 1.45 4.93 -25.92
C ALA B 26 1.96 4.71 -27.34
N LEU B 27 1.60 3.57 -27.95
CA LEU B 27 2.08 3.26 -29.29
C LEU B 27 1.64 4.33 -30.27
N ALA B 28 0.41 4.82 -30.12
CA ALA B 28 -0.07 5.88 -31.00
C ALA B 28 0.76 7.14 -30.84
N VAL B 29 1.08 7.54 -29.59
CA VAL B 29 1.88 8.74 -29.37
C VAL B 29 3.28 8.58 -29.92
N ALA B 30 3.88 7.40 -29.71
CA ALA B 30 5.25 7.17 -30.15
C ALA B 30 5.35 7.15 -31.68
N LYS B 31 4.47 6.39 -32.34
CA LYS B 31 4.57 6.29 -33.79
C LYS B 31 4.37 7.66 -34.43
N GLN B 32 3.46 8.46 -33.88
CA GLN B 32 3.29 9.81 -34.36
C GLN B 32 4.53 10.66 -34.10
N LEU B 33 5.17 10.47 -32.94
CA LEU B 33 6.42 11.17 -32.67
C LEU B 33 7.47 10.84 -33.71
N GLN B 34 7.54 9.57 -34.13
CA GLN B 34 8.51 9.18 -35.14
C GLN B 34 8.27 9.95 -36.43
N GLN B 35 7.02 10.05 -36.84
CA GLN B 35 6.68 10.68 -38.09
C GLN B 35 6.90 12.18 -38.06
N GLN B 36 7.03 12.78 -36.88
CA GLN B 36 7.32 14.20 -36.77
C GLN B 36 8.79 14.49 -36.56
N GLY B 37 9.68 13.54 -36.85
CA GLY B 37 11.10 13.82 -36.75
C GLY B 37 11.76 13.50 -35.43
N CYS B 38 11.06 12.84 -34.51
CA CYS B 38 11.65 12.48 -33.23
C CYS B 38 12.35 11.15 -33.33
N GLN B 39 12.99 10.78 -32.22
CA GLN B 39 13.55 9.46 -32.01
C GLN B 39 12.85 8.86 -30.81
N VAL B 40 12.37 7.63 -30.96
CA VAL B 40 11.59 7.00 -29.91
C VAL B 40 12.32 5.75 -29.48
N SER B 41 12.39 5.52 -28.17
CA SER B 41 12.91 4.31 -27.55
C SER B 41 11.90 3.83 -26.53
N TRP B 42 11.89 2.54 -26.26
CA TRP B 42 10.93 2.00 -25.31
C TRP B 42 11.67 1.37 -24.13
N LEU B 43 11.26 1.75 -22.92
CA LEU B 43 11.70 1.11 -21.69
C LEU B 43 10.62 0.16 -21.21
N ALA B 44 10.98 -1.09 -21.03
CA ALA B 44 10.00 -2.09 -20.67
C ALA B 44 10.67 -3.08 -19.74
N THR B 45 9.89 -3.94 -19.17
CA THR B 45 10.44 -5.01 -18.35
C THR B 45 10.67 -6.26 -19.20
N PRO B 46 11.64 -7.12 -18.85
CA PRO B 46 11.69 -8.42 -19.49
C PRO B 46 10.57 -9.25 -18.90
N THR B 47 10.05 -10.18 -19.70
CA THR B 47 8.87 -10.94 -19.29
C THR B 47 7.65 -10.05 -19.05
N GLY B 48 7.68 -8.82 -19.57
CA GLY B 48 6.51 -7.97 -19.56
C GLY B 48 5.76 -8.14 -20.86
N MET B 49 4.47 -7.81 -20.84
CA MET B 49 3.66 -8.09 -22.02
C MET B 49 3.92 -7.13 -23.16
N GLU B 50 4.52 -5.97 -22.85
CA GLU B 50 4.83 -4.95 -23.84
C GLU B 50 5.64 -5.52 -24.99
N ASN B 51 6.48 -6.52 -24.71
CA ASN B 51 7.37 -7.03 -25.73
C ASN B 51 6.61 -7.69 -26.88
N ARG B 52 5.61 -8.52 -26.58
CA ARG B 52 4.85 -9.14 -27.67
C ARG B 52 4.12 -8.09 -28.51
N LEU B 53 3.57 -7.07 -27.86
CA LEU B 53 2.83 -6.04 -28.58
C LEU B 53 3.74 -5.21 -29.47
N LEU B 54 4.92 -4.86 -28.99
CA LEU B 54 5.81 -4.00 -29.77
C LEU B 54 6.69 -4.77 -30.75
N LYS B 55 6.51 -6.08 -30.87
CA LYS B 55 7.16 -6.82 -31.94
C LYS B 55 6.64 -6.29 -33.26
N ASP B 56 7.54 -6.16 -34.23
CA ASP B 56 7.21 -5.66 -35.56
C ASP B 56 6.76 -4.20 -35.57
N GLN B 57 7.02 -3.45 -34.50
CA GLN B 57 6.68 -2.02 -34.55
C GLN B 57 7.88 -1.13 -34.81
N ASN B 58 9.08 -1.70 -34.84
CA ASN B 58 10.28 -0.97 -35.28
C ASN B 58 10.53 0.30 -34.46
N ILE B 59 10.41 0.16 -33.14
CA ILE B 59 11.03 1.12 -32.22
C ILE B 59 11.80 0.28 -31.20
N PRO B 60 13.01 0.68 -30.87
CA PRO B 60 13.85 -0.17 -30.01
C PRO B 60 13.35 -0.23 -28.57
N ILE B 61 13.37 -1.45 -28.04
CA ILE B 61 12.90 -1.76 -26.69
C ILE B 61 14.10 -2.01 -25.78
N TYR B 62 14.06 -1.48 -24.56
CA TYR B 62 15.10 -1.71 -23.57
C TYR B 62 14.50 -2.23 -22.27
N GLN B 63 15.07 -3.32 -21.73
CA GLN B 63 14.58 -3.98 -20.54
C GLN B 63 15.54 -3.73 -19.38
N ILE B 64 15.14 -4.03 -18.15
CA ILE B 64 15.97 -3.60 -17.03
C ILE B 64 16.46 -4.67 -16.03
N ASP B 65 15.58 -5.10 -15.11
CA ASP B 65 15.90 -6.03 -14.02
C ASP B 65 15.10 -7.33 -14.12
N ILE B 66 15.62 -8.43 -13.56
CA ILE B 66 14.86 -9.70 -13.56
C ILE B 66 14.54 -10.12 -12.13
N ILE B 75 14.32 -17.57 -12.18
CA ILE B 75 13.61 -18.13 -11.03
C ILE B 75 14.18 -17.56 -9.71
N ARG B 76 14.90 -16.43 -9.81
CA ARG B 76 15.55 -15.80 -8.67
C ARG B 76 14.63 -14.76 -8.03
N LYS B 77 14.84 -14.51 -6.73
CA LYS B 77 14.07 -13.51 -5.99
C LYS B 77 15.02 -12.59 -5.20
N LEU B 78 14.85 -11.28 -5.42
CA LEU B 78 15.61 -10.22 -4.78
C LEU B 78 14.63 -9.28 -4.07
N ALA B 79 14.91 -8.96 -2.80
CA ALA B 79 13.99 -8.23 -1.92
C ALA B 79 13.47 -6.94 -2.55
N ALA B 80 12.22 -6.61 -2.21
CA ALA B 80 11.53 -5.45 -2.78
C ALA B 80 12.28 -4.12 -2.64
N PRO B 81 12.77 -3.71 -1.46
CA PRO B 81 13.50 -2.43 -1.43
C PRO B 81 14.78 -2.45 -2.23
N PHE B 82 15.42 -3.61 -2.42
CA PHE B 82 16.56 -3.66 -3.32
C PHE B 82 16.14 -3.65 -4.79
N LYS B 83 15.08 -4.42 -5.15
CA LYS B 83 14.68 -4.54 -6.55
C LYS B 83 14.36 -3.18 -7.15
N ILE B 84 13.84 -2.25 -6.34
CA ILE B 84 13.55 -0.92 -6.87
C ILE B 84 14.83 -0.16 -7.17
N LEU B 85 15.86 -0.33 -6.36
CA LEU B 85 17.11 0.37 -6.64
C LEU B 85 17.78 -0.15 -7.91
N LYS B 86 17.83 -1.47 -8.06
CA LYS B 86 18.43 -2.05 -9.25
C LYS B 86 17.71 -1.53 -10.48
N ALA B 87 16.37 -1.52 -10.46
CA ALA B 87 15.64 -1.07 -11.64
C ALA B 87 15.91 0.41 -11.94
N THR B 88 15.88 1.27 -10.93
CA THR B 88 16.03 2.70 -11.19
C THR B 88 17.36 3.02 -11.83
N PHE B 89 18.45 2.42 -11.34
CA PHE B 89 19.77 2.67 -11.89
C PHE B 89 19.97 1.94 -13.22
N SER B 90 19.34 0.77 -13.40
CA SER B 90 19.33 0.12 -14.70
C SER B 90 18.73 1.04 -15.76
N ALA B 91 17.55 1.61 -15.48
CA ALA B 91 16.95 2.50 -16.47
C ALA B 91 17.80 3.75 -16.65
N MET B 92 18.28 4.31 -15.53
CA MET B 92 19.06 5.54 -15.59
C MET B 92 20.28 5.37 -16.47
N ARG B 93 20.91 4.21 -16.39
CA ARG B 93 22.04 3.93 -17.26
C ARG B 93 21.60 3.96 -18.71
N TYR B 94 20.45 3.34 -19.03
CA TYR B 94 19.93 3.32 -20.40
C TYR B 94 19.65 4.73 -20.94
N MET B 95 19.05 5.61 -20.12
CA MET B 95 18.74 6.96 -20.57
C MET B 95 20.02 7.78 -20.79
N LYS B 96 21.02 7.61 -19.93
CA LYS B 96 22.27 8.35 -20.08
C LYS B 96 23.06 7.89 -21.31
N GLN B 97 23.13 6.58 -21.57
CA GLN B 97 23.85 6.07 -22.75
C GLN B 97 23.19 6.52 -24.04
N LEU B 98 21.86 6.40 -24.12
CA LEU B 98 21.10 6.69 -25.33
C LEU B 98 20.78 8.16 -25.48
N LYS B 99 21.24 9.00 -24.55
CA LYS B 99 21.01 10.43 -24.59
C LYS B 99 19.52 10.72 -24.80
N VAL B 100 18.73 10.17 -23.86
CA VAL B 100 17.28 10.34 -23.84
C VAL B 100 16.95 11.76 -23.43
N ASP B 101 16.13 12.44 -24.24
CA ASP B 101 15.85 13.86 -24.06
C ASP B 101 14.55 14.16 -23.32
N ALA B 102 13.59 13.25 -23.34
CA ALA B 102 12.36 13.40 -22.59
C ALA B 102 11.75 12.02 -22.46
N VAL B 103 10.96 11.81 -21.42
CA VAL B 103 10.38 10.51 -21.14
C VAL B 103 8.88 10.64 -20.89
N ALA B 104 8.10 9.77 -21.53
CA ALA B 104 6.65 9.79 -21.43
C ALA B 104 6.20 8.40 -21.01
N GLY B 105 5.55 8.29 -19.87
CA GLY B 105 5.19 6.98 -19.37
C GLY B 105 3.70 6.90 -19.20
N PHE B 106 3.08 5.86 -19.75
CA PHE B 106 1.63 5.82 -19.87
C PHE B 106 0.96 4.98 -18.80
N GLY B 107 1.70 4.62 -17.76
CA GLY B 107 1.22 3.96 -16.57
C GLY B 107 1.65 2.50 -16.50
N GLY B 108 1.52 1.96 -15.31
CA GLY B 108 2.07 0.65 -15.04
C GLY B 108 3.34 0.76 -14.24
N TYR B 109 3.87 -0.39 -13.82
CA TYR B 109 4.98 -0.33 -12.88
C TYR B 109 6.25 0.22 -13.54
N VAL B 110 6.53 -0.17 -14.78
CA VAL B 110 7.79 0.22 -15.43
C VAL B 110 8.01 1.72 -15.37
N ALA B 111 6.92 2.49 -15.35
CA ALA B 111 7.02 3.95 -15.24
C ALA B 111 7.60 4.38 -13.90
N GLY B 112 7.39 3.58 -12.86
CA GLY B 112 7.83 3.95 -11.55
C GLY B 112 9.33 4.12 -11.44
N PRO B 113 10.06 3.02 -11.66
CA PRO B 113 11.53 3.12 -11.62
C PRO B 113 12.10 4.01 -12.70
N GLY B 114 11.69 3.86 -13.94
CA GLY B 114 12.22 4.71 -14.97
C GLY B 114 11.94 6.17 -14.69
N GLY B 115 10.76 6.46 -14.12
CA GLY B 115 10.38 7.84 -13.88
C GLY B 115 11.29 8.55 -12.90
N LEU B 116 11.69 7.84 -11.84
CA LEU B 116 12.69 8.38 -10.92
C LEU B 116 14.03 8.55 -11.64
N ALA B 117 14.43 7.54 -12.41
CA ALA B 117 15.68 7.59 -13.16
C ALA B 117 15.71 8.78 -14.09
N ALA B 118 14.60 9.05 -14.76
CA ALA B 118 14.52 10.25 -15.54
C ALA B 118 14.74 11.48 -14.65
N ARG B 119 14.03 11.57 -13.53
CA ARG B 119 14.16 12.78 -12.73
C ARG B 119 15.59 12.93 -12.19
N LEU B 120 16.22 11.84 -11.80
CA LEU B 120 17.59 11.90 -11.29
C LEU B 120 18.55 12.40 -12.37
N LEU B 121 18.35 11.99 -13.62
CA LEU B 121 19.11 12.53 -14.74
C LEU B 121 18.72 13.95 -15.08
N GLY B 122 17.53 14.39 -14.70
CA GLY B 122 17.09 15.74 -15.01
C GLY B 122 16.24 15.85 -16.24
N ILE B 123 16.04 14.75 -16.94
CA ILE B 123 15.14 14.74 -18.11
C ILE B 123 13.70 14.84 -17.62
N PRO B 124 12.82 15.58 -18.29
CA PRO B 124 11.49 15.82 -17.74
C PRO B 124 10.57 14.63 -17.99
N VAL B 125 9.53 14.53 -17.18
CA VAL B 125 8.62 13.41 -17.22
C VAL B 125 7.24 13.90 -17.63
N LEU B 126 6.61 13.20 -18.57
CA LEU B 126 5.20 13.36 -18.89
C LEU B 126 4.51 12.03 -18.66
N ILE B 127 3.44 12.04 -17.85
CA ILE B 127 2.66 10.83 -17.61
C ILE B 127 1.28 11.05 -18.21
N HIS B 128 0.67 9.95 -18.65
CA HIS B 128 -0.68 9.99 -19.20
C HIS B 128 -1.47 8.85 -18.57
N GLU B 129 -2.61 9.17 -17.97
CA GLU B 129 -3.45 8.16 -17.34
C GLU B 129 -4.71 8.06 -18.17
N GLN B 130 -4.98 6.88 -18.75
CA GLN B 130 -6.10 6.72 -19.67
C GLN B 130 -7.38 6.22 -19.00
N ASN B 131 -7.38 5.99 -17.69
CA ASN B 131 -8.56 5.61 -16.93
C ASN B 131 -9.12 6.82 -16.18
N ALA B 132 -10.37 6.68 -15.72
CA ALA B 132 -11.04 7.75 -14.99
C ALA B 132 -10.59 7.87 -13.56
N VAL B 133 -10.09 6.78 -12.98
CA VAL B 133 -9.50 6.75 -11.65
C VAL B 133 -8.00 6.57 -11.82
N ALA B 134 -7.23 7.44 -11.19
CA ALA B 134 -5.78 7.47 -11.40
C ALA B 134 -5.11 6.22 -10.83
N GLY B 135 -4.25 5.60 -11.63
CA GLY B 135 -3.54 4.43 -11.18
C GLY B 135 -2.45 4.74 -10.18
N PHE B 136 -2.01 3.70 -9.43
CA PHE B 136 -1.18 3.92 -8.24
C PHE B 136 0.15 4.59 -8.59
N THR B 137 0.82 4.11 -9.65
CA THR B 137 2.12 4.70 -9.99
C THR B 137 1.96 6.12 -10.51
N ASN B 138 0.95 6.36 -11.35
CA ASN B 138 0.74 7.69 -11.89
C ASN B 138 0.33 8.69 -10.82
N ALA B 139 -0.36 8.25 -9.76
CA ALA B 139 -0.70 9.17 -8.69
C ALA B 139 0.56 9.64 -7.96
N GLN B 140 1.42 8.71 -7.55
CA GLN B 140 2.68 9.10 -6.91
C GLN B 140 3.53 9.90 -7.87
N LEU B 141 3.72 9.38 -9.09
CA LEU B 141 4.59 10.00 -10.08
C LEU B 141 4.11 11.41 -10.44
N SER B 142 2.83 11.72 -10.23
CA SER B 142 2.28 13.03 -10.57
C SER B 142 3.07 14.18 -9.94
N ARG B 143 3.70 13.97 -8.78
CA ARG B 143 4.42 15.07 -8.13
C ARG B 143 5.72 15.45 -8.83
N VAL B 144 6.36 14.55 -9.57
CA VAL B 144 7.62 14.87 -10.26
C VAL B 144 7.44 14.97 -11.77
N ALA B 145 6.21 14.87 -12.26
CA ALA B 145 5.96 14.92 -13.69
C ALA B 145 5.97 16.38 -14.13
N LYS B 146 6.56 16.66 -15.29
CA LYS B 146 6.46 18.04 -15.77
C LYS B 146 5.04 18.33 -16.26
N VAL B 147 4.43 17.38 -16.96
CA VAL B 147 3.05 17.50 -17.41
C VAL B 147 2.33 16.18 -17.13
N VAL B 148 1.08 16.29 -16.67
CA VAL B 148 0.26 15.14 -16.31
C VAL B 148 -0.96 15.17 -17.22
N CYS B 149 -1.02 14.28 -18.21
CA CYS B 149 -2.18 14.17 -19.08
C CYS B 149 -3.18 13.21 -18.47
N GLU B 150 -4.47 13.60 -18.50
CA GLU B 150 -5.55 12.84 -17.92
C GLU B 150 -6.59 12.56 -19.00
N ALA B 151 -7.08 11.33 -19.09
CA ALA B 151 -8.11 11.00 -20.07
C ALA B 151 -9.42 11.67 -19.71
N PHE B 152 -9.82 11.48 -18.56
CA PHE B 152 -11.09 11.98 -18.08
C PHE B 152 -10.86 13.18 -17.16
N PRO B 153 -11.82 14.10 -17.12
CA PRO B 153 -11.51 15.43 -16.58
C PRO B 153 -11.17 15.47 -15.11
N ASN B 154 -11.91 14.84 -14.23
CA ASN B 154 -11.56 15.02 -12.83
C ASN B 154 -10.55 14.04 -12.23
N THR B 155 -9.80 13.39 -13.10
CA THR B 155 -8.78 12.41 -12.71
C THR B 155 -7.64 13.04 -11.90
N PHE B 156 -7.31 14.30 -12.19
CA PHE B 156 -6.26 14.99 -11.43
C PHE B 156 -6.73 16.39 -10.99
N PRO B 157 -6.13 16.95 -9.94
CA PRO B 157 -6.54 18.28 -9.54
C PRO B 157 -5.50 19.32 -9.96
N ALA B 158 -5.92 20.58 -10.14
CA ALA B 158 -5.05 21.73 -10.45
C ALA B 158 -4.38 21.97 -11.81
N SER B 159 -3.36 22.83 -11.78
CA SER B 159 -2.57 23.34 -12.93
C SER B 159 -1.69 22.48 -13.84
N GLU B 160 -0.93 21.55 -13.29
CA GLU B 160 -0.03 20.73 -14.12
C GLU B 160 -0.73 19.81 -15.13
N LYS B 161 -1.85 19.21 -14.74
CA LYS B 161 -2.56 18.31 -15.63
C LYS B 161 -3.45 18.93 -16.70
N VAL B 162 -3.34 18.41 -17.92
CA VAL B 162 -4.12 18.87 -19.05
C VAL B 162 -4.89 17.68 -19.63
N VAL B 163 -6.18 17.82 -19.80
CA VAL B 163 -7.02 16.74 -20.31
C VAL B 163 -6.80 16.32 -21.76
N THR B 164 -6.89 15.02 -22.02
CA THR B 164 -6.80 14.48 -23.38
C THR B 164 -7.33 13.03 -23.42
N THR B 165 -7.63 12.53 -24.61
CA THR B 165 -8.12 11.17 -24.78
C THR B 165 -7.12 10.39 -25.62
N GLY B 166 -6.84 9.17 -25.21
CA GLY B 166 -5.85 8.35 -25.87
C GLY B 166 -5.82 7.78 -27.28
N ASN B 167 -6.92 7.31 -27.84
CA ASN B 167 -6.79 6.56 -29.14
C ASN B 167 -7.86 7.00 -30.15
N PRO B 168 -7.46 7.35 -31.38
CA PRO B 168 -8.35 7.54 -32.54
C PRO B 168 -8.46 6.27 -33.41
N ARG B 186 -27.42 8.70 -37.74
CA ARG B 186 -28.43 7.64 -37.76
C ARG B 186 -29.87 8.08 -38.13
N GLU B 187 -30.16 8.02 -39.43
CA GLU B 187 -31.45 8.37 -39.99
C GLU B 187 -32.44 7.19 -39.89
N GLN B 188 -33.70 7.50 -40.08
CA GLN B 188 -34.76 6.50 -39.96
C GLN B 188 -35.41 6.27 -41.31
N ALA B 189 -35.04 5.14 -41.91
CA ALA B 189 -35.70 4.56 -43.06
C ALA B 189 -36.45 3.31 -42.60
N ASP B 190 -36.95 3.39 -41.36
CA ASP B 190 -37.72 2.37 -40.63
C ASP B 190 -36.88 1.11 -40.34
N LYS B 191 -35.56 1.20 -40.49
CA LYS B 191 -34.67 0.08 -40.26
C LYS B 191 -34.83 -0.44 -38.83
N PRO B 192 -34.57 -1.71 -38.57
CA PRO B 192 -34.68 -2.22 -37.20
C PRO B 192 -33.47 -1.82 -36.36
N LEU B 193 -33.67 -1.91 -35.04
CA LEU B 193 -32.60 -1.58 -34.10
C LEU B 193 -31.42 -2.54 -34.22
N ASN B 194 -30.25 -1.99 -34.48
CA ASN B 194 -29.05 -2.79 -34.59
C ASN B 194 -28.44 -2.86 -33.20
N ILE B 195 -28.41 -4.06 -32.62
CA ILE B 195 -27.85 -4.25 -31.30
C ILE B 195 -26.50 -4.88 -31.47
N LEU B 196 -25.49 -4.28 -30.85
CA LEU B 196 -24.11 -4.74 -30.96
C LEU B 196 -23.61 -5.13 -29.59
N ILE B 197 -23.11 -6.36 -29.49
CA ILE B 197 -22.61 -6.95 -28.24
C ILE B 197 -21.17 -7.36 -28.48
N VAL B 198 -20.22 -6.70 -27.82
CA VAL B 198 -18.80 -7.05 -28.01
C VAL B 198 -18.23 -7.58 -26.70
N GLY B 199 -17.73 -8.81 -26.73
CA GLY B 199 -17.14 -9.39 -25.55
C GLY B 199 -15.67 -9.05 -25.38
N GLY B 200 -14.98 -8.75 -26.48
CA GLY B 200 -13.56 -8.47 -26.42
C GLY B 200 -12.74 -9.63 -26.96
N SER B 201 -11.42 -9.42 -26.96
CA SER B 201 -10.51 -10.52 -27.25
C SER B 201 -10.79 -11.70 -26.32
N LEU B 202 -11.30 -11.40 -25.12
CA LEU B 202 -11.57 -12.38 -24.09
C LEU B 202 -12.93 -13.03 -24.33
N GLY B 203 -13.35 -13.85 -23.38
CA GLY B 203 -14.67 -14.45 -23.49
C GLY B 203 -15.76 -13.45 -23.21
N ALA B 204 -15.63 -12.70 -22.11
CA ALA B 204 -16.72 -11.87 -21.59
C ALA B 204 -17.99 -12.71 -21.51
N LYS B 205 -17.82 -13.85 -20.83
CA LYS B 205 -18.87 -14.84 -20.69
C LYS B 205 -20.21 -14.25 -20.28
N ALA B 206 -20.19 -13.27 -19.37
CA ALA B 206 -21.42 -12.78 -18.75
C ALA B 206 -22.38 -12.18 -19.77
N LEU B 207 -21.85 -11.58 -20.84
CA LEU B 207 -22.66 -11.04 -21.92
C LEU B 207 -23.21 -12.14 -22.82
N ASN B 208 -22.38 -13.14 -23.14
CA ASN B 208 -22.79 -14.22 -24.00
C ASN B 208 -23.92 -15.04 -23.37
N GLU B 209 -23.88 -15.21 -22.05
CA GLU B 209 -24.80 -16.11 -21.37
C GLU B 209 -26.09 -15.46 -20.89
N ARG B 210 -26.06 -14.22 -20.38
CA ARG B 210 -27.28 -13.62 -19.83
C ARG B 210 -27.98 -12.64 -20.76
N LEU B 211 -27.35 -12.25 -21.89
CA LEU B 211 -27.97 -11.29 -22.80
C LEU B 211 -28.99 -11.93 -23.74
N PRO B 212 -28.67 -13.02 -24.43
CA PRO B 212 -29.68 -13.63 -25.31
C PRO B 212 -30.98 -13.93 -24.56
N PRO B 213 -30.94 -14.50 -23.34
CA PRO B 213 -32.21 -14.80 -22.67
C PRO B 213 -33.17 -13.63 -22.51
N ALA B 214 -32.72 -12.49 -21.97
CA ALA B 214 -33.65 -11.39 -21.76
C ALA B 214 -33.83 -10.53 -22.99
N LEU B 215 -32.95 -10.70 -23.99
CA LEU B 215 -33.05 -10.00 -25.27
C LEU B 215 -33.99 -10.70 -26.25
N LYS B 216 -33.95 -12.05 -26.34
CA LYS B 216 -34.79 -12.75 -27.30
C LYS B 216 -36.24 -12.82 -26.85
N GLN B 217 -36.58 -12.19 -25.72
CA GLN B 217 -37.96 -12.00 -25.33
C GLN B 217 -38.33 -10.52 -25.34
N LEU B 218 -37.73 -9.76 -26.25
CA LEU B 218 -38.09 -8.37 -26.50
C LEU B 218 -39.08 -8.29 -27.66
N GLU B 219 -40.07 -7.42 -27.50
CA GLU B 219 -41.20 -7.40 -28.42
C GLU B 219 -40.84 -6.74 -29.74
N VAL B 220 -40.14 -5.61 -29.66
CA VAL B 220 -39.71 -4.78 -30.79
C VAL B 220 -38.87 -5.60 -31.77
N PRO B 221 -38.78 -5.22 -33.06
CA PRO B 221 -37.90 -5.94 -33.98
C PRO B 221 -36.46 -5.46 -33.87
N LEU B 222 -35.53 -6.41 -33.68
CA LEU B 222 -34.11 -6.16 -33.45
C LEU B 222 -33.24 -6.82 -34.50
N ASN B 223 -31.98 -6.38 -34.57
CA ASN B 223 -30.94 -7.01 -35.40
C ASN B 223 -29.67 -7.22 -34.58
N ILE B 224 -29.48 -8.42 -34.04
CA ILE B 224 -28.39 -8.65 -33.11
C ILE B 224 -27.14 -9.04 -33.90
N PHE B 225 -26.07 -8.27 -33.68
CA PHE B 225 -24.72 -8.59 -34.14
C PHE B 225 -23.94 -8.82 -32.85
N HIS B 226 -23.58 -10.08 -32.58
CA HIS B 226 -23.07 -10.51 -31.29
C HIS B 226 -21.67 -11.08 -31.46
N GLN B 227 -20.69 -10.52 -30.74
CA GLN B 227 -19.30 -10.99 -30.79
C GLN B 227 -19.02 -11.84 -29.55
N CYS B 228 -18.82 -13.13 -29.78
CA CYS B 228 -18.83 -14.12 -28.72
C CYS B 228 -17.47 -14.31 -28.11
N GLY B 229 -16.42 -14.19 -28.88
CA GLY B 229 -15.18 -14.77 -28.44
C GLY B 229 -15.06 -16.18 -28.99
N GLN B 230 -13.82 -16.66 -29.03
CA GLN B 230 -13.55 -17.86 -29.80
C GLN B 230 -14.31 -19.13 -29.38
N GLN B 231 -14.05 -19.69 -28.21
CA GLN B 231 -14.65 -21.00 -27.90
C GLN B 231 -16.10 -20.93 -27.44
N GLN B 232 -16.77 -19.78 -27.50
CA GLN B 232 -18.16 -19.74 -27.07
C GLN B 232 -19.15 -19.61 -28.22
N VAL B 233 -18.69 -19.72 -29.47
CA VAL B 233 -19.57 -19.44 -30.60
C VAL B 233 -20.68 -20.48 -30.69
N GLU B 234 -20.32 -21.76 -30.62
CA GLU B 234 -21.35 -22.79 -30.69
C GLU B 234 -22.31 -22.69 -29.52
N ALA B 235 -21.77 -22.46 -28.31
CA ALA B 235 -22.55 -22.55 -27.09
C ALA B 235 -23.66 -21.50 -27.05
N THR B 236 -23.32 -20.26 -27.35
CA THR B 236 -24.28 -19.17 -27.26
C THR B 236 -25.23 -19.09 -28.45
N GLN B 237 -24.80 -19.54 -29.64
CA GLN B 237 -25.73 -19.64 -30.78
C GLN B 237 -26.92 -20.50 -30.44
N ALA B 238 -26.71 -21.50 -29.59
CA ALA B 238 -27.82 -22.28 -29.06
C ALA B 238 -28.73 -21.43 -28.19
N LEU B 239 -28.14 -20.53 -27.37
CA LEU B 239 -28.93 -19.70 -26.47
C LEU B 239 -29.90 -18.80 -27.23
N TYR B 240 -29.47 -18.31 -28.40
CA TYR B 240 -30.30 -17.40 -29.20
C TYR B 240 -31.38 -18.14 -29.98
N ALA B 241 -31.00 -19.21 -30.68
CA ALA B 241 -31.85 -19.87 -31.67
C ALA B 241 -33.14 -20.42 -31.08
N ASP B 242 -33.26 -20.47 -29.76
CA ASP B 242 -34.46 -21.04 -29.19
C ASP B 242 -35.71 -20.27 -29.56
N ALA B 243 -35.64 -18.94 -29.49
CA ALA B 243 -36.79 -18.12 -29.83
C ALA B 243 -36.40 -16.90 -30.64
N PRO B 244 -35.99 -17.11 -31.89
CA PRO B 244 -35.60 -15.94 -32.68
C PRO B 244 -36.75 -14.96 -32.88
N ALA B 245 -37.95 -15.49 -33.12
CA ALA B 245 -39.16 -14.68 -33.31
C ALA B 245 -39.02 -13.64 -34.41
N ASN B 246 -39.44 -12.42 -34.11
CA ASN B 246 -39.38 -11.31 -35.06
C ASN B 246 -37.98 -10.87 -35.47
N LEU B 247 -37.07 -10.82 -34.51
CA LEU B 247 -35.70 -10.36 -34.75
C LEU B 247 -34.72 -11.36 -35.35
N THR B 248 -33.81 -10.83 -36.16
CA THR B 248 -32.76 -11.62 -36.76
C THR B 248 -31.51 -11.56 -35.87
N ILE B 249 -30.69 -12.61 -35.96
CA ILE B 249 -29.53 -12.75 -35.09
C ILE B 249 -28.34 -13.24 -35.90
N GLN B 250 -27.16 -12.72 -35.59
CA GLN B 250 -25.91 -13.25 -36.11
C GLN B 250 -24.86 -13.26 -34.99
N VAL B 251 -24.19 -14.39 -34.81
CA VAL B 251 -23.10 -14.54 -33.84
C VAL B 251 -21.80 -14.78 -34.59
N LEU B 252 -20.74 -14.08 -34.19
CA LEU B 252 -19.44 -14.13 -34.84
C LEU B 252 -18.35 -14.18 -33.77
N PRO B 253 -17.19 -14.78 -34.06
CA PRO B 253 -16.10 -14.78 -33.08
C PRO B 253 -15.38 -13.45 -32.95
N PHE B 254 -15.00 -12.86 -34.10
CA PHE B 254 -14.29 -11.60 -34.15
C PHE B 254 -14.94 -10.70 -35.18
N ILE B 255 -14.77 -9.40 -35.01
CA ILE B 255 -15.30 -8.38 -35.92
C ILE B 255 -14.13 -7.83 -36.74
N GLU B 256 -14.11 -8.10 -38.04
CA GLU B 256 -12.97 -7.67 -38.86
C GLU B 256 -12.86 -6.16 -38.90
N ASP B 257 -13.98 -5.49 -39.19
CA ASP B 257 -14.02 -4.05 -39.38
C ASP B 257 -14.86 -3.53 -38.22
N MET B 258 -14.16 -3.10 -37.16
CA MET B 258 -14.87 -2.66 -35.97
C MET B 258 -15.57 -1.34 -36.19
N ALA B 259 -14.96 -0.47 -37.00
CA ALA B 259 -15.53 0.84 -37.25
C ALA B 259 -16.89 0.72 -37.93
N LYS B 260 -17.03 -0.19 -38.89
CA LYS B 260 -18.34 -0.38 -39.51
C LYS B 260 -19.37 -0.76 -38.46
N ALA B 261 -19.04 -1.73 -37.61
CA ALA B 261 -20.00 -2.21 -36.63
C ALA B 261 -20.49 -1.10 -35.72
N TYR B 262 -19.66 -0.08 -35.47
CA TYR B 262 -20.05 1.02 -34.58
C TYR B 262 -21.17 1.87 -35.18
N SER B 263 -20.95 2.42 -36.38
CA SER B 263 -21.87 3.42 -36.92
C SER B 263 -23.28 2.88 -37.04
N GLU B 264 -23.40 1.66 -37.56
CA GLU B 264 -24.69 1.02 -37.75
C GLU B 264 -25.36 0.59 -36.45
N ALA B 265 -24.58 0.39 -35.39
CA ALA B 265 -25.14 -0.10 -34.12
C ALA B 265 -25.96 0.98 -33.44
N ASP B 266 -27.23 0.69 -33.18
CA ASP B 266 -28.09 1.67 -32.55
C ASP B 266 -27.99 1.62 -31.03
N LEU B 267 -27.70 0.45 -30.45
CA LEU B 267 -27.34 0.30 -29.04
C LEU B 267 -26.20 -0.68 -28.94
N ILE B 268 -25.17 -0.35 -28.16
CA ILE B 268 -24.00 -1.21 -27.92
C ILE B 268 -23.99 -1.66 -26.46
N ILE B 269 -23.64 -2.92 -26.23
CA ILE B 269 -23.52 -3.50 -24.89
C ILE B 269 -22.12 -4.06 -24.74
N CYS B 270 -21.34 -3.51 -23.80
CA CYS B 270 -19.95 -3.94 -23.75
C CYS B 270 -19.29 -3.51 -22.45
N ARG B 271 -18.11 -4.08 -22.23
CA ARG B 271 -17.30 -3.73 -21.07
C ARG B 271 -16.89 -2.27 -21.14
N ALA B 272 -16.88 -1.61 -19.99
CA ALA B 272 -16.42 -0.22 -19.96
C ALA B 272 -14.91 -0.17 -19.85
N GLY B 273 -14.20 -0.80 -20.78
CA GLY B 273 -12.76 -0.66 -20.82
C GLY B 273 -12.34 0.79 -20.93
N ALA B 274 -11.04 1.07 -20.95
CA ALA B 274 -10.63 2.47 -21.05
C ALA B 274 -10.70 2.94 -22.49
N LEU B 275 -10.17 2.14 -23.41
CA LEU B 275 -10.30 2.52 -24.81
C LEU B 275 -11.70 2.31 -25.30
N THR B 276 -12.42 1.30 -24.78
CA THR B 276 -13.75 1.01 -25.29
C THR B 276 -14.72 2.14 -24.95
N VAL B 277 -14.60 2.69 -23.74
CA VAL B 277 -15.39 3.88 -23.40
C VAL B 277 -14.96 5.05 -24.27
N THR B 278 -13.65 5.21 -24.46
CA THR B 278 -13.12 6.29 -25.29
C THR B 278 -13.51 6.13 -26.77
N GLU B 279 -13.63 4.90 -27.27
CA GLU B 279 -14.12 4.66 -28.64
C GLU B 279 -15.64 4.88 -28.74
N VAL B 280 -16.42 4.33 -27.80
CA VAL B 280 -17.87 4.53 -27.82
C VAL B 280 -18.21 6.01 -27.75
N ALA B 281 -17.39 6.81 -27.07
CA ALA B 281 -17.61 8.25 -27.05
C ALA B 281 -17.21 8.91 -28.37
N THR B 282 -16.04 8.53 -28.94
CA THR B 282 -15.53 9.27 -30.09
C THR B 282 -16.41 9.10 -31.32
N ALA B 283 -17.11 7.98 -31.40
CA ALA B 283 -18.08 7.74 -32.45
C ALA B 283 -19.35 7.75 -31.62
N GLY B 284 -20.37 8.49 -32.03
CA GLY B 284 -21.52 8.56 -31.16
C GLY B 284 -22.35 7.31 -31.22
N VAL B 285 -22.27 6.53 -30.15
CA VAL B 285 -23.02 5.30 -30.02
C VAL B 285 -23.67 5.25 -28.67
N ALA B 286 -24.97 4.97 -28.63
CA ALA B 286 -25.63 4.87 -27.34
C ALA B 286 -25.14 3.58 -26.76
N ALA B 287 -24.84 3.56 -25.47
CA ALA B 287 -24.35 2.31 -24.92
C ALA B 287 -24.81 1.98 -23.51
N VAL B 288 -24.87 0.70 -23.24
CA VAL B 288 -25.19 0.18 -21.92
C VAL B 288 -23.95 -0.57 -21.45
N PHE B 289 -23.20 0.03 -20.52
CA PHE B 289 -21.91 -0.50 -20.09
C PHE B 289 -22.08 -1.54 -18.99
N VAL B 290 -21.45 -2.70 -19.19
CA VAL B 290 -21.47 -3.73 -18.16
C VAL B 290 -20.01 -3.90 -17.71
N PRO B 291 -19.58 -3.00 -16.82
CA PRO B 291 -18.16 -2.88 -16.50
C PRO B 291 -17.58 -4.13 -15.88
N LEU B 292 -16.28 -4.31 -16.15
CA LEU B 292 -15.52 -5.48 -15.72
C LEU B 292 -15.51 -5.64 -14.21
N PRO B 293 -15.87 -6.80 -13.70
CA PRO B 293 -16.00 -6.96 -12.25
C PRO B 293 -14.63 -7.14 -11.62
N ILE B 294 -14.55 -6.73 -10.36
CA ILE B 294 -13.32 -6.89 -9.60
C ILE B 294 -12.20 -6.07 -10.24
N ALA B 295 -12.53 -5.20 -11.19
CA ALA B 295 -11.49 -4.30 -11.65
C ALA B 295 -11.07 -3.43 -10.48
N VAL B 296 -9.86 -2.86 -10.57
CA VAL B 296 -8.99 -2.75 -9.39
C VAL B 296 -9.45 -1.62 -8.47
N ASP B 297 -9.66 -0.42 -8.99
CA ASP B 297 -10.30 0.62 -8.21
C ASP B 297 -11.70 0.85 -8.74
N ASP B 298 -12.37 -0.25 -9.08
CA ASP B 298 -13.56 -0.27 -9.94
C ASP B 298 -13.40 0.69 -11.12
N HIS B 299 -12.17 0.80 -11.62
CA HIS B 299 -11.88 1.78 -12.66
C HIS B 299 -12.76 1.60 -13.89
N GLN B 300 -13.24 0.38 -14.12
CA GLN B 300 -14.11 0.20 -15.28
C GLN B 300 -15.43 0.92 -15.09
N THR B 301 -16.01 0.84 -13.89
CA THR B 301 -17.23 1.59 -13.61
C THR B 301 -16.98 3.08 -13.61
N ALA B 302 -15.81 3.51 -13.14
CA ALA B 302 -15.48 4.93 -13.17
C ALA B 302 -15.34 5.42 -14.59
N ASN B 303 -14.81 4.56 -15.49
CA ASN B 303 -14.82 4.90 -16.90
C ASN B 303 -16.24 5.07 -17.41
N ALA B 304 -17.11 4.10 -17.11
CA ALA B 304 -18.46 4.17 -17.63
C ALA B 304 -19.24 5.32 -17.01
N LYS B 305 -19.03 5.55 -15.72
CA LYS B 305 -19.77 6.61 -15.05
C LYS B 305 -19.49 7.97 -15.70
N PHE B 306 -18.46 8.09 -16.52
CA PHE B 306 -18.26 9.35 -17.23
C PHE B 306 -19.45 9.65 -18.11
N LEU B 307 -19.79 8.73 -19.01
CA LEU B 307 -20.91 8.86 -19.93
C LEU B 307 -22.25 8.61 -19.25
N ALA B 308 -22.26 7.76 -18.22
CA ALA B 308 -23.53 7.36 -17.63
C ALA B 308 -24.23 8.50 -16.91
N ASP B 309 -23.52 9.27 -16.06
CA ASP B 309 -24.24 10.28 -15.31
C ASP B 309 -24.52 11.56 -16.11
N ILE B 310 -23.84 11.81 -17.23
CA ILE B 310 -24.29 12.92 -18.07
C ILE B 310 -25.45 12.50 -18.96
N GLY B 311 -25.66 11.21 -19.17
CA GLY B 311 -26.85 10.75 -19.86
C GLY B 311 -26.61 10.33 -21.29
N ALA B 312 -25.49 9.67 -21.52
CA ALA B 312 -25.10 9.18 -22.84
C ALA B 312 -24.95 7.66 -22.86
N ALA B 313 -25.29 7.01 -21.75
CA ALA B 313 -25.17 5.57 -21.62
C ALA B 313 -25.62 5.13 -20.24
N LYS B 314 -26.19 3.94 -20.12
CA LYS B 314 -26.62 3.37 -18.84
C LYS B 314 -25.58 2.35 -18.42
N ILE B 315 -25.49 2.10 -17.11
CA ILE B 315 -24.56 1.11 -16.58
C ILE B 315 -25.35 0.02 -15.86
N CYS B 316 -25.12 -1.22 -16.24
CA CYS B 316 -25.85 -2.34 -15.67
C CYS B 316 -24.82 -3.28 -15.06
N GLN B 317 -24.75 -3.27 -13.74
CA GLN B 317 -23.70 -4.04 -13.08
C GLN B 317 -23.93 -5.51 -13.31
N GLN B 318 -22.83 -6.22 -13.52
CA GLN B 318 -22.89 -7.63 -13.81
C GLN B 318 -23.36 -8.43 -12.58
N SER B 319 -22.84 -8.10 -11.40
CA SER B 319 -23.11 -8.89 -10.20
C SER B 319 -24.59 -8.92 -9.86
N THR B 320 -25.27 -7.77 -9.93
CA THR B 320 -26.68 -7.61 -9.61
C THR B 320 -27.61 -7.85 -10.80
N MET B 321 -27.09 -8.26 -11.95
CA MET B 321 -27.86 -8.33 -13.18
C MET B 321 -28.76 -9.56 -13.14
N THR B 322 -30.05 -9.32 -13.31
CA THR B 322 -31.10 -10.31 -13.23
C THR B 322 -31.96 -10.20 -14.48
N PRO B 323 -32.75 -11.23 -14.81
CA PRO B 323 -33.70 -11.08 -15.93
C PRO B 323 -34.62 -9.86 -15.81
N GLU B 324 -35.05 -9.48 -14.60
CA GLU B 324 -35.99 -8.36 -14.49
C GLU B 324 -35.31 -7.03 -14.75
N VAL B 325 -34.10 -6.85 -14.24
CA VAL B 325 -33.45 -5.58 -14.49
C VAL B 325 -32.98 -5.50 -15.94
N LEU B 326 -32.61 -6.64 -16.54
CA LEU B 326 -32.26 -6.62 -17.95
C LEU B 326 -33.44 -6.21 -18.81
N ASN B 327 -34.57 -6.89 -18.62
CA ASN B 327 -35.73 -6.59 -19.46
C ASN B 327 -36.25 -5.16 -19.22
N GLN B 328 -36.32 -4.71 -17.96
CA GLN B 328 -36.81 -3.35 -17.72
C GLN B 328 -35.83 -2.30 -18.22
N LEU B 329 -34.54 -2.63 -18.26
CA LEU B 329 -33.54 -1.75 -18.88
C LEU B 329 -33.70 -1.71 -20.40
N PHE B 330 -33.86 -2.87 -21.03
CA PHE B 330 -34.02 -2.89 -22.49
C PHE B 330 -35.39 -2.38 -22.92
N THR B 331 -36.45 -2.71 -22.17
CA THR B 331 -37.79 -2.23 -22.51
C THR B 331 -37.79 -0.72 -22.72
N THR B 332 -37.13 0.02 -21.82
CA THR B 332 -37.09 1.48 -21.92
C THR B 332 -36.03 1.98 -22.89
N LEU B 333 -35.12 1.11 -23.35
CA LEU B 333 -34.01 1.51 -24.20
C LEU B 333 -34.27 1.28 -25.69
N MET B 334 -35.39 0.63 -26.04
CA MET B 334 -35.68 0.20 -27.41
C MET B 334 -36.29 1.27 -28.29
N ASN B 335 -36.31 2.53 -27.85
CA ASN B 335 -36.76 3.62 -28.68
C ASN B 335 -35.54 4.24 -29.37
N ARG B 336 -35.55 4.24 -30.72
CA ARG B 336 -34.35 4.68 -31.43
C ARG B 336 -34.07 6.15 -31.19
N GLN B 337 -35.12 6.95 -30.95
CA GLN B 337 -34.89 8.35 -30.61
C GLN B 337 -34.11 8.48 -29.31
N LEU B 338 -34.41 7.64 -28.32
CA LEU B 338 -33.71 7.71 -27.04
C LEU B 338 -32.23 7.39 -27.21
N LEU B 339 -31.92 6.40 -28.04
CA LEU B 339 -30.53 6.06 -28.29
C LEU B 339 -29.79 7.22 -28.98
N THR B 340 -30.45 7.91 -29.91
CA THR B 340 -29.81 9.05 -30.57
C THR B 340 -29.55 10.21 -29.60
N GLU B 341 -30.51 10.53 -28.75
CA GLU B 341 -30.24 11.53 -27.71
C GLU B 341 -29.04 11.10 -26.87
N MET B 342 -28.94 9.81 -26.58
CA MET B 342 -27.78 9.29 -25.86
C MET B 342 -26.51 9.42 -26.68
N ALA B 343 -26.54 8.97 -27.94
CA ALA B 343 -25.31 8.91 -28.74
C ALA B 343 -24.75 10.28 -29.10
N VAL B 344 -25.59 11.30 -29.30
CA VAL B 344 -25.08 12.63 -29.58
C VAL B 344 -24.42 13.26 -28.34
N LYS B 345 -25.04 13.09 -27.17
CA LYS B 345 -24.41 13.59 -25.96
C LYS B 345 -23.04 12.93 -25.79
N ALA B 346 -22.94 11.65 -26.13
CA ALA B 346 -21.68 10.94 -26.04
C ALA B 346 -20.62 11.49 -27.00
N ARG B 347 -20.98 11.75 -28.27
CA ARG B 347 -19.94 12.23 -29.20
C ARG B 347 -19.46 13.61 -28.81
N GLN B 348 -20.31 14.40 -28.15
CA GLN B 348 -19.89 15.71 -27.66
C GLN B 348 -18.82 15.60 -26.58
N HIS B 349 -19.06 14.75 -25.59
CA HIS B 349 -18.15 14.61 -24.48
C HIS B 349 -16.97 13.69 -24.75
N ALA B 350 -16.09 14.11 -25.65
CA ALA B 350 -14.92 13.32 -25.95
C ALA B 350 -13.81 14.22 -26.43
N GLN B 351 -12.57 13.84 -26.19
CA GLN B 351 -11.47 14.66 -26.68
C GLN B 351 -10.91 13.91 -27.88
N PRO B 352 -11.14 14.47 -29.07
CA PRO B 352 -10.82 14.03 -30.43
C PRO B 352 -9.36 13.92 -30.90
N ASN B 353 -8.52 14.88 -30.53
CA ASN B 353 -7.15 14.92 -31.01
C ASN B 353 -6.10 14.60 -29.95
N ALA B 354 -6.42 13.69 -29.05
CA ALA B 354 -5.52 13.34 -27.98
C ALA B 354 -4.18 12.81 -28.44
N THR B 355 -4.15 12.02 -29.51
CA THR B 355 -2.88 11.46 -29.96
C THR B 355 -1.88 12.53 -30.33
N GLN B 356 -2.33 13.58 -31.01
CA GLN B 356 -1.46 14.69 -31.37
C GLN B 356 -1.39 15.74 -30.26
N HIS B 357 -2.40 15.83 -29.41
CA HIS B 357 -2.35 16.77 -28.28
C HIS B 357 -1.29 16.35 -27.26
N VAL B 358 -1.11 15.04 -27.08
CA VAL B 358 -0.06 14.56 -26.18
C VAL B 358 1.31 14.80 -26.79
N VAL B 359 1.46 14.59 -28.10
CA VAL B 359 2.75 14.78 -28.77
C VAL B 359 3.25 16.22 -28.58
N ASP B 360 2.36 17.21 -28.68
CA ASP B 360 2.75 18.60 -28.52
C ASP B 360 3.37 18.82 -27.14
N LEU B 361 2.71 18.29 -26.11
CA LEU B 361 3.16 18.48 -24.74
C LEU B 361 4.57 17.90 -24.54
N ILE B 362 4.83 16.74 -25.13
CA ILE B 362 6.13 16.09 -25.01
C ILE B 362 7.22 16.99 -25.60
N GLN B 363 6.97 17.55 -26.78
CA GLN B 363 8.01 18.33 -27.42
C GLN B 363 8.26 19.65 -26.68
N LYS B 364 7.22 20.32 -26.17
CA LYS B 364 7.44 21.58 -25.44
C LYS B 364 7.77 21.28 -23.98
N MET B 365 8.97 20.72 -23.78
CA MET B 365 9.42 20.30 -22.45
C MET B 365 10.93 20.50 -22.34
N PRO C 9 21.94 26.16 12.20
CA PRO C 9 21.70 24.81 12.74
C PRO C 9 21.47 23.71 11.69
N LYS C 10 22.57 23.21 11.09
CA LYS C 10 22.52 22.22 10.01
C LYS C 10 21.66 21.03 10.42
N HIS C 11 20.78 20.60 9.52
CA HIS C 11 19.77 19.59 9.81
C HIS C 11 20.11 18.32 9.07
N VAL C 12 20.52 17.29 9.80
CA VAL C 12 20.90 16.01 9.22
C VAL C 12 19.77 15.03 9.51
N MET C 13 19.46 14.17 8.54
CA MET C 13 18.53 13.09 8.76
C MET C 13 19.27 11.76 8.62
N MET C 14 19.01 10.84 9.56
CA MET C 14 19.67 9.54 9.63
C MET C 14 18.73 8.50 9.02
N MET C 15 19.30 7.42 8.50
CA MET C 15 18.52 6.28 7.98
C MET C 15 18.98 4.96 8.58
N ALA C 16 18.09 4.26 9.30
CA ALA C 16 18.53 3.02 9.92
C ALA C 16 17.44 1.95 9.96
N ALA C 17 17.83 0.74 9.58
CA ALA C 17 16.96 -0.44 9.53
C ALA C 17 16.66 -1.02 10.90
N GLY C 18 15.60 -1.82 10.95
CA GLY C 18 15.12 -2.42 12.18
C GLY C 18 16.12 -3.29 12.89
N THR C 19 16.92 -4.03 12.13
CA THR C 19 17.93 -4.87 12.75
C THR C 19 18.90 -3.98 13.49
N GLY C 20 19.37 -4.45 14.63
CA GLY C 20 20.23 -3.66 15.47
C GLY C 20 21.52 -3.14 14.86
N GLY C 21 22.17 -3.90 14.00
CA GLY C 21 23.45 -3.44 13.51
C GLY C 21 23.48 -2.09 12.80
N HIS C 22 22.51 -1.81 11.95
CA HIS C 22 22.50 -0.52 11.27
C HIS C 22 22.27 0.68 12.16
N VAL C 23 21.34 0.56 13.10
CA VAL C 23 21.03 1.67 14.00
C VAL C 23 22.08 2.13 15.02
N PHE C 24 22.82 1.20 15.62
CA PHE C 24 23.77 1.58 16.65
C PHE C 24 24.89 2.52 16.20
N PRO C 25 25.51 2.25 15.05
CA PRO C 25 26.45 3.26 14.56
C PRO C 25 25.72 4.52 14.17
N ALA C 26 24.56 4.38 13.52
CA ALA C 26 23.77 5.55 13.18
C ALA C 26 23.44 6.37 14.43
N LEU C 27 23.02 5.70 15.50
CA LEU C 27 22.69 6.42 16.73
C LEU C 27 23.91 7.16 17.29
N ALA C 28 25.07 6.52 17.25
CA ALA C 28 26.28 7.13 17.80
C ALA C 28 26.64 8.41 17.07
N VAL C 29 26.63 8.36 15.74
CA VAL C 29 26.91 9.56 14.95
C VAL C 29 25.81 10.59 15.14
N ALA C 30 24.56 10.14 15.26
CA ALA C 30 23.46 11.07 15.44
C ALA C 30 23.59 11.81 16.76
N LYS C 31 23.84 11.09 17.85
CA LYS C 31 23.98 11.74 19.16
C LYS C 31 25.17 12.68 19.20
N GLN C 32 26.27 12.30 18.52
CA GLN C 32 27.41 13.20 18.43
C GLN C 32 27.09 14.45 17.64
N LEU C 33 26.34 14.32 16.55
CA LEU C 33 25.93 15.50 15.78
C LEU C 33 25.13 16.46 16.64
N GLN C 34 24.23 15.92 17.48
CA GLN C 34 23.40 16.74 18.36
C GLN C 34 24.23 17.55 19.33
N GLN C 35 25.24 16.93 19.96
CA GLN C 35 26.05 17.65 20.92
C GLN C 35 26.89 18.70 20.25
N GLN C 36 27.02 18.64 18.92
CA GLN C 36 27.77 19.60 18.14
C GLN C 36 26.87 20.70 17.57
N GLY C 37 25.67 20.88 18.12
CA GLY C 37 24.83 21.98 17.73
C GLY C 37 23.94 21.70 16.55
N CYS C 38 23.93 20.47 16.05
CA CYS C 38 23.13 20.16 14.88
C CYS C 38 21.71 19.85 15.29
N GLN C 39 20.89 19.62 14.28
CA GLN C 39 19.54 19.10 14.45
C GLN C 39 19.52 17.76 13.76
N VAL C 40 19.03 16.74 14.46
CA VAL C 40 19.06 15.39 13.92
C VAL C 40 17.64 14.86 13.83
N SER C 41 17.31 14.22 12.71
CA SER C 41 16.05 13.53 12.50
C SER C 41 16.33 12.13 12.01
N TRP C 42 15.38 11.23 12.25
CA TRP C 42 15.52 9.81 11.88
C TRP C 42 14.46 9.39 10.88
N LEU C 43 14.88 8.70 9.83
CA LEU C 43 13.97 8.06 8.89
C LEU C 43 13.93 6.58 9.24
N ALA C 44 12.75 6.06 9.54
CA ALA C 44 12.63 4.69 10.00
C ALA C 44 11.34 4.08 9.50
N THR C 45 11.26 2.79 9.55
CA THR C 45 9.97 2.25 9.13
C THR C 45 9.06 2.11 10.34
N PRO C 46 7.74 2.09 10.13
CA PRO C 46 6.83 1.76 11.23
C PRO C 46 6.86 0.26 11.46
N THR C 47 6.63 -0.14 12.71
CA THR C 47 6.72 -1.55 13.12
C THR C 47 8.11 -2.13 12.88
N GLY C 48 9.10 -1.28 12.67
CA GLY C 48 10.47 -1.71 12.56
C GLY C 48 11.09 -1.62 13.92
N MET C 49 12.17 -2.35 14.13
CA MET C 49 12.60 -2.31 15.51
C MET C 49 13.37 -1.05 15.87
N GLU C 50 13.82 -0.24 14.91
CA GLU C 50 14.57 0.97 15.25
C GLU C 50 13.81 1.80 16.25
N ASN C 51 12.47 1.74 16.20
CA ASN C 51 11.67 2.55 17.09
C ASN C 51 11.90 2.17 18.54
N ARG C 52 11.95 0.87 18.85
CA ARG C 52 12.20 0.46 20.22
C ARG C 52 13.59 0.89 20.68
N LEU C 53 14.58 0.81 19.77
CA LEU C 53 15.95 1.21 20.09
C LEU C 53 16.10 2.73 20.25
N LEU C 54 15.41 3.51 19.43
CA LEU C 54 15.49 4.97 19.51
C LEU C 54 14.51 5.57 20.49
N LYS C 55 13.74 4.76 21.21
CA LYS C 55 12.79 5.27 22.20
C LYS C 55 13.56 6.04 23.27
N ASP C 56 13.07 7.23 23.60
CA ASP C 56 13.70 8.05 24.64
C ASP C 56 15.14 8.43 24.26
N GLN C 57 15.42 8.50 22.96
CA GLN C 57 16.71 8.92 22.48
C GLN C 57 16.71 10.38 22.09
N ASN C 58 15.56 11.04 22.16
CA ASN C 58 15.46 12.48 21.94
C ASN C 58 15.98 12.82 20.55
N ILE C 59 15.52 12.04 19.57
CA ILE C 59 15.58 12.33 18.14
C ILE C 59 14.18 12.17 17.60
N PRO C 60 13.68 13.10 16.77
CA PRO C 60 12.34 12.92 16.19
C PRO C 60 12.39 11.86 15.10
N ILE C 61 11.48 10.89 15.15
CA ILE C 61 11.43 9.78 14.19
C ILE C 61 10.29 10.02 13.21
N TYR C 62 10.57 9.72 11.95
CA TYR C 62 9.62 9.88 10.86
C TYR C 62 9.49 8.57 10.13
N GLN C 63 8.26 8.08 9.96
CA GLN C 63 8.08 6.74 9.46
C GLN C 63 7.63 6.72 7.99
N ILE C 64 8.23 5.80 7.26
CA ILE C 64 8.02 5.57 5.84
C ILE C 64 7.77 4.07 5.70
N ASP C 65 6.77 3.68 4.92
CA ASP C 65 6.34 2.29 4.92
C ASP C 65 6.83 1.60 3.66
N ILE C 66 7.55 0.49 3.84
CA ILE C 66 8.15 -0.25 2.74
C ILE C 66 7.68 -1.69 2.67
N GLN C 67 6.75 -2.09 3.53
CA GLN C 67 6.26 -3.46 3.56
C GLN C 67 4.98 -3.57 2.76
N GLY C 68 4.82 -4.68 2.05
CA GLY C 68 3.62 -4.86 1.25
C GLY C 68 2.40 -5.03 2.11
N VAL C 69 1.25 -4.61 1.58
CA VAL C 69 -0.02 -4.67 2.29
C VAL C 69 -0.69 -6.00 1.99
N ARG C 70 -1.10 -6.71 3.03
CA ARG C 70 -1.85 -7.94 2.83
C ARG C 70 -3.27 -7.57 2.49
N GLY C 71 -3.85 -8.33 1.55
CA GLY C 71 -5.25 -8.16 1.26
C GLY C 71 -6.07 -8.11 2.53
N ASN C 72 -7.00 -7.16 2.58
CA ASN C 72 -8.01 -7.10 3.62
C ASN C 72 -9.37 -6.99 2.94
N GLY C 73 -10.43 -7.30 3.68
CA GLY C 73 -11.75 -7.05 3.12
C GLY C 73 -11.95 -5.60 2.74
N VAL C 74 -11.44 -4.69 3.58
CA VAL C 74 -11.75 -3.28 3.47
C VAL C 74 -10.71 -2.51 2.66
N ILE C 75 -9.51 -3.06 2.50
CA ILE C 75 -8.46 -2.43 1.71
C ILE C 75 -7.90 -3.48 0.73
N ARG C 76 -7.26 -3.01 -0.33
CA ARG C 76 -6.79 -3.93 -1.37
C ARG C 76 -5.45 -4.51 -1.00
N LYS C 77 -5.08 -5.59 -1.68
CA LYS C 77 -3.73 -6.11 -1.50
C LYS C 77 -2.84 -5.23 -2.37
N LEU C 78 -1.81 -4.66 -1.78
CA LEU C 78 -0.90 -3.80 -2.52
C LEU C 78 0.48 -4.43 -2.52
N ALA C 79 0.97 -4.75 -3.71
CA ALA C 79 2.26 -5.41 -3.86
C ALA C 79 3.35 -4.56 -3.23
N ALA C 80 4.35 -5.21 -2.66
CA ALA C 80 5.43 -4.47 -2.01
C ALA C 80 6.12 -3.43 -2.90
N PRO C 81 6.47 -3.69 -4.16
CA PRO C 81 7.19 -2.67 -4.95
C PRO C 81 6.41 -1.40 -5.17
N PHE C 82 5.08 -1.45 -5.11
CA PHE C 82 4.29 -0.21 -5.18
C PHE C 82 4.45 0.61 -3.91
N LYS C 83 4.42 -0.04 -2.74
CA LYS C 83 4.62 0.68 -1.50
C LYS C 83 5.99 1.35 -1.47
N ILE C 84 6.98 0.73 -2.13
CA ILE C 84 8.35 1.26 -2.15
C ILE C 84 8.39 2.58 -2.91
N LEU C 85 7.56 2.72 -3.95
CA LEU C 85 7.43 3.98 -4.65
C LEU C 85 6.78 5.03 -3.76
N LYS C 86 5.69 4.66 -3.07
CA LYS C 86 5.08 5.59 -2.14
C LYS C 86 6.10 6.03 -1.11
N ALA C 87 6.88 5.08 -0.61
CA ALA C 87 7.85 5.39 0.42
C ALA C 87 8.85 6.44 -0.05
N THR C 88 9.32 6.33 -1.28
CA THR C 88 10.33 7.26 -1.77
C THR C 88 9.81 8.69 -1.78
N PHE C 89 8.57 8.89 -2.25
CA PHE C 89 7.98 10.22 -2.24
C PHE C 89 7.45 10.61 -0.86
N SER C 90 6.92 9.63 -0.12
CA SER C 90 6.50 9.84 1.26
C SER C 90 7.65 10.42 2.06
N ALA C 91 8.85 9.83 1.90
CA ALA C 91 10.06 10.35 2.52
C ALA C 91 10.49 11.67 1.92
N MET C 92 10.37 11.84 0.60
CA MET C 92 10.82 13.07 -0.05
C MET C 92 10.13 14.31 0.49
N ARG C 93 8.81 14.26 0.67
CA ARG C 93 8.14 15.42 1.25
C ARG C 93 8.61 15.65 2.67
N TYR C 94 8.90 14.58 3.43
CA TYR C 94 9.44 14.75 4.78
C TYR C 94 10.69 15.64 4.74
N MET C 95 11.60 15.39 3.80
CA MET C 95 12.81 16.20 3.75
C MET C 95 12.50 17.63 3.29
N LYS C 96 11.57 17.79 2.34
CA LYS C 96 11.21 19.14 1.92
C LYS C 96 10.49 19.88 3.04
N GLN C 97 9.55 19.19 3.72
CA GLN C 97 8.81 19.82 4.80
C GLN C 97 9.72 20.21 5.95
N LEU C 98 10.63 19.31 6.33
CA LEU C 98 11.51 19.51 7.48
C LEU C 98 12.76 20.29 7.16
N LYS C 99 12.92 20.77 5.93
CA LYS C 99 14.08 21.54 5.50
C LYS C 99 15.38 20.81 5.89
N VAL C 100 15.46 19.54 5.49
CA VAL C 100 16.65 18.73 5.78
C VAL C 100 17.81 19.18 4.90
N ASP C 101 18.97 19.36 5.52
CA ASP C 101 20.18 19.90 4.90
C ASP C 101 21.18 18.84 4.41
N ALA C 102 21.13 17.63 4.95
CA ALA C 102 22.00 16.54 4.52
C ALA C 102 21.42 15.24 5.05
N VAL C 103 21.77 14.13 4.41
CA VAL C 103 21.22 12.84 4.83
C VAL C 103 22.37 11.86 5.04
N ALA C 104 22.34 11.13 6.15
CA ALA C 104 23.38 10.16 6.47
C ALA C 104 22.71 8.81 6.68
N GLY C 105 22.98 7.86 5.81
CA GLY C 105 22.28 6.60 5.86
C GLY C 105 23.22 5.44 5.97
N PHE C 106 22.98 4.56 6.93
CA PHE C 106 23.94 3.54 7.28
C PHE C 106 23.63 2.17 6.67
N GLY C 107 22.65 2.11 5.77
CA GLY C 107 22.33 0.88 5.09
C GLY C 107 21.04 0.25 5.58
N GLY C 108 20.63 -0.79 4.88
CA GLY C 108 19.35 -1.39 5.20
C GLY C 108 18.30 -0.95 4.22
N TYR C 109 17.11 -1.52 4.40
CA TYR C 109 16.07 -1.32 3.40
C TYR C 109 15.62 0.14 3.37
N VAL C 110 15.41 0.74 4.53
CA VAL C 110 14.88 2.10 4.62
C VAL C 110 15.76 3.09 3.89
N ALA C 111 17.07 2.84 3.85
CA ALA C 111 18.01 3.80 3.28
C ALA C 111 17.81 3.99 1.80
N GLY C 112 17.34 2.94 1.11
CA GLY C 112 17.14 2.96 -0.32
C GLY C 112 16.16 4.03 -0.77
N PRO C 113 14.92 3.95 -0.27
CA PRO C 113 13.96 5.01 -0.61
C PRO C 113 14.40 6.39 -0.17
N GLY C 114 14.84 6.54 1.08
CA GLY C 114 15.28 7.84 1.57
C GLY C 114 16.44 8.41 0.78
N GLY C 115 17.37 7.56 0.34
CA GLY C 115 18.50 8.04 -0.42
C GLY C 115 18.13 8.60 -1.80
N LEU C 116 17.18 7.95 -2.48
CA LEU C 116 16.66 8.53 -3.73
C LEU C 116 15.90 9.80 -3.44
N ALA C 117 15.13 9.80 -2.35
CA ALA C 117 14.38 10.98 -1.96
C ALA C 117 15.31 12.17 -1.77
N ALA C 118 16.43 11.95 -1.07
CA ALA C 118 17.40 13.02 -0.90
C ALA C 118 17.92 13.52 -2.25
N ARG C 119 18.39 12.61 -3.10
CA ARG C 119 18.98 13.03 -4.37
C ARG C 119 17.97 13.72 -5.29
N LEU C 120 16.71 13.31 -5.25
CA LEU C 120 15.71 14.00 -6.06
C LEU C 120 15.54 15.45 -5.65
N LEU C 121 15.56 15.71 -4.34
CA LEU C 121 15.48 17.08 -3.84
C LEU C 121 16.74 17.89 -4.12
N GLY C 122 17.88 17.23 -4.29
CA GLY C 122 19.14 17.93 -4.40
C GLY C 122 19.94 17.95 -3.11
N ILE C 123 19.46 17.30 -2.06
CA ILE C 123 20.15 17.15 -0.78
C ILE C 123 21.38 16.25 -0.96
N PRO C 124 22.49 16.47 -0.27
CA PRO C 124 23.62 15.55 -0.39
C PRO C 124 23.44 14.33 0.49
N VAL C 125 24.08 13.24 0.07
CA VAL C 125 23.97 11.96 0.76
C VAL C 125 25.36 11.52 1.18
N LEU C 126 25.48 11.11 2.44
CA LEU C 126 26.64 10.37 2.94
C LEU C 126 26.12 9.01 3.41
N ILE C 127 26.76 7.95 2.93
CA ILE C 127 26.42 6.60 3.36
C ILE C 127 27.62 6.06 4.11
N HIS C 128 27.37 5.17 5.04
CA HIS C 128 28.42 4.48 5.77
C HIS C 128 28.10 2.99 5.84
N GLU C 129 29.03 2.16 5.38
CA GLU C 129 28.83 0.71 5.34
C GLU C 129 29.69 0.05 6.39
N GLN C 130 29.05 -0.69 7.31
CA GLN C 130 29.71 -1.25 8.48
C GLN C 130 30.23 -2.66 8.27
N ASN C 131 30.01 -3.25 7.10
CA ASN C 131 30.54 -4.56 6.77
C ASN C 131 31.74 -4.44 5.82
N ALA C 132 32.48 -5.55 5.71
CA ALA C 132 33.63 -5.67 4.82
C ALA C 132 33.25 -5.98 3.38
N VAL C 133 32.06 -6.54 3.18
CA VAL C 133 31.46 -6.75 1.87
C VAL C 133 30.28 -5.77 1.79
N ALA C 134 30.23 -4.96 0.73
CA ALA C 134 29.24 -3.88 0.67
C ALA C 134 27.80 -4.38 0.47
N GLY C 135 26.90 -3.94 1.34
CA GLY C 135 25.51 -4.34 1.24
C GLY C 135 24.81 -3.70 0.07
N PHE C 136 23.74 -4.34 -0.39
CA PHE C 136 23.19 -3.96 -1.68
C PHE C 136 22.73 -2.52 -1.69
N THR C 137 22.10 -2.05 -0.60
CA THR C 137 21.60 -0.69 -0.62
C THR C 137 22.74 0.31 -0.74
N ASN C 138 23.81 0.10 0.04
CA ASN C 138 24.96 0.98 -0.09
C ASN C 138 25.68 0.81 -1.41
N ALA C 139 25.65 -0.39 -1.97
CA ALA C 139 26.31 -0.60 -3.24
C ALA C 139 25.67 0.25 -4.31
N GLN C 140 24.34 0.14 -4.44
CA GLN C 140 23.65 0.96 -5.40
C GLN C 140 23.80 2.43 -5.04
N LEU C 141 23.54 2.77 -3.77
CA LEU C 141 23.59 4.17 -3.34
C LEU C 141 24.98 4.79 -3.50
N SER C 142 26.04 3.99 -3.59
CA SER C 142 27.38 4.56 -3.72
C SER C 142 27.49 5.50 -4.92
N ARG C 143 26.70 5.26 -5.99
CA ARG C 143 26.77 6.07 -7.21
C ARG C 143 26.29 7.50 -6.98
N VAL C 144 25.39 7.72 -6.02
CA VAL C 144 24.79 9.03 -5.80
C VAL C 144 25.23 9.65 -4.47
N ALA C 145 26.14 9.00 -3.74
CA ALA C 145 26.58 9.53 -2.47
C ALA C 145 27.68 10.57 -2.67
N LYS C 146 27.64 11.67 -1.90
CA LYS C 146 28.72 12.65 -1.97
C LYS C 146 30.00 12.09 -1.36
N VAL C 147 29.88 11.40 -0.23
CA VAL C 147 31.02 10.76 0.43
C VAL C 147 30.57 9.37 0.90
N VAL C 148 31.43 8.37 0.71
CA VAL C 148 31.14 6.98 1.03
C VAL C 148 32.10 6.54 2.11
N CYS C 149 31.60 6.38 3.33
CA CYS C 149 32.40 5.86 4.42
C CYS C 149 32.37 4.34 4.37
N GLU C 150 33.54 3.73 4.50
CA GLU C 150 33.69 2.30 4.39
C GLU C 150 34.27 1.81 5.71
N ALA C 151 33.72 0.74 6.27
CA ALA C 151 34.24 0.28 7.56
C ALA C 151 35.66 -0.22 7.39
N PHE C 152 35.87 -1.11 6.42
CA PHE C 152 37.05 -1.82 6.00
C PHE C 152 37.53 -1.35 4.62
N PRO C 153 38.83 -1.46 4.34
CA PRO C 153 39.38 -0.85 3.12
C PRO C 153 38.89 -1.43 1.80
N ASN C 154 38.67 -2.74 1.71
CA ASN C 154 38.34 -3.35 0.41
C ASN C 154 36.82 -3.45 0.24
N THR C 155 36.16 -2.30 0.24
CA THR C 155 34.72 -2.30 0.04
C THR C 155 34.27 -1.61 -1.24
N PHE C 156 34.76 -0.40 -1.47
CA PHE C 156 34.46 0.39 -2.65
C PHE C 156 35.80 0.86 -3.22
N PRO C 157 35.90 0.97 -4.55
CA PRO C 157 37.10 1.37 -5.28
C PRO C 157 37.16 2.83 -5.75
N ALA C 158 36.21 3.63 -5.32
CA ALA C 158 36.08 5.03 -5.75
C ALA C 158 37.08 6.07 -5.25
N SER C 159 37.08 7.19 -5.97
CA SER C 159 37.92 8.34 -5.66
C SER C 159 37.56 8.98 -4.33
N GLU C 160 36.28 9.00 -3.99
CA GLU C 160 35.87 9.63 -2.73
C GLU C 160 35.09 8.72 -1.79
N LYS C 161 35.88 7.85 -1.19
CA LYS C 161 35.54 6.87 -0.17
C LYS C 161 36.53 7.07 0.97
N VAL C 162 36.07 6.95 2.20
CA VAL C 162 36.92 7.12 3.38
C VAL C 162 36.77 5.87 4.25
N VAL C 163 37.76 5.62 5.11
CA VAL C 163 37.80 4.38 5.86
C VAL C 163 37.63 4.65 7.37
N THR C 164 36.67 3.95 8.03
CA THR C 164 36.27 4.06 9.45
C THR C 164 35.06 3.20 9.89
N THR C 165 34.92 2.75 11.16
CA THR C 165 33.66 2.09 11.58
C THR C 165 33.25 2.47 13.00
N GLY C 166 31.98 2.85 13.16
CA GLY C 166 31.47 3.40 14.41
C GLY C 166 31.69 2.45 15.55
N SER C 178 39.20 2.81 24.67
CA SER C 178 39.78 3.06 26.02
C SER C 178 40.43 1.88 26.83
N PRO C 179 40.17 0.60 26.52
CA PRO C 179 40.83 -0.47 27.29
C PRO C 179 42.32 -0.55 27.03
N LYS C 180 43.02 -1.35 27.84
CA LYS C 180 44.48 -1.28 27.92
C LYS C 180 45.14 -1.93 26.72
N TRP C 181 46.29 -1.36 26.32
CA TRP C 181 47.00 -1.83 25.13
C TRP C 181 47.20 -3.33 25.23
N ARG C 182 47.17 -4.00 24.07
CA ARG C 182 47.26 -5.44 24.12
C ARG C 182 48.51 -5.92 24.87
N TYR C 183 49.71 -5.57 24.37
CA TYR C 183 50.97 -6.02 24.97
C TYR C 183 50.97 -5.82 26.48
N ASP C 184 50.61 -4.61 26.92
CA ASP C 184 50.58 -4.31 28.34
C ASP C 184 49.63 -5.26 29.09
N GLU C 185 48.42 -5.50 28.53
CA GLU C 185 47.37 -6.28 29.22
C GLU C 185 47.70 -7.76 29.25
N ARG C 186 48.37 -8.26 28.23
CA ARG C 186 48.79 -9.65 28.10
C ARG C 186 50.08 -9.97 28.88
N GLU C 187 50.78 -8.98 29.46
CA GLU C 187 52.01 -9.27 30.22
C GLU C 187 51.54 -9.85 31.54
N GLN C 188 51.28 -11.17 31.51
CA GLN C 188 50.91 -11.93 32.70
C GLN C 188 52.00 -12.95 32.94
N ALA C 189 52.77 -12.62 33.98
CA ALA C 189 53.83 -13.43 34.54
C ALA C 189 53.46 -14.89 34.44
N ASP C 190 52.50 -15.35 35.24
CA ASP C 190 52.11 -16.76 35.11
C ASP C 190 50.66 -16.93 35.52
N LYS C 191 49.87 -17.55 34.64
CA LYS C 191 48.42 -17.61 34.75
C LYS C 191 47.89 -18.55 33.66
N PRO C 192 46.71 -19.14 33.88
CA PRO C 192 46.12 -20.00 32.85
C PRO C 192 45.45 -19.16 31.77
N LEU C 193 45.43 -19.74 30.58
CA LEU C 193 44.82 -19.09 29.43
C LEU C 193 43.36 -18.79 29.70
N ASN C 194 42.99 -17.52 29.62
CA ASN C 194 41.59 -17.16 29.78
C ASN C 194 40.93 -17.16 28.41
N ILE C 195 40.04 -18.13 28.19
CA ILE C 195 39.35 -18.29 26.92
C ILE C 195 37.93 -17.79 27.06
N LEU C 196 37.54 -16.88 26.17
CA LEU C 196 36.24 -16.24 26.21
C LEU C 196 35.47 -16.68 24.98
N ILE C 197 34.31 -17.27 25.19
CA ILE C 197 33.46 -17.76 24.11
C ILE C 197 32.16 -17.02 24.24
N VAL C 198 31.86 -16.14 23.29
CA VAL C 198 30.59 -15.44 23.33
C VAL C 198 29.77 -15.98 22.17
N GLY C 199 28.73 -16.71 22.50
CA GLY C 199 27.79 -17.17 21.52
C GLY C 199 26.86 -16.00 21.37
N GLY C 200 26.58 -15.63 20.14
CA GLY C 200 25.75 -14.46 19.96
C GLY C 200 24.41 -14.63 20.66
N SER C 201 23.64 -13.56 20.73
CA SER C 201 22.26 -13.78 21.15
C SER C 201 21.54 -14.64 20.12
N LEU C 202 21.86 -14.45 18.83
CA LEU C 202 21.24 -15.17 17.72
C LEU C 202 22.10 -16.29 17.15
N GLY C 203 21.46 -17.42 16.87
CA GLY C 203 22.11 -18.58 16.25
C GLY C 203 23.39 -19.12 16.86
N ALA C 204 23.56 -18.92 18.17
CA ALA C 204 24.78 -19.29 18.89
C ALA C 204 24.76 -20.73 19.37
N LYS C 205 23.67 -21.45 19.09
CA LYS C 205 23.57 -22.84 19.52
C LYS C 205 24.74 -23.67 19.03
N ALA C 206 25.22 -23.40 17.80
CA ALA C 206 26.29 -24.20 17.19
C ALA C 206 27.58 -24.10 17.99
N LEU C 207 27.78 -22.98 18.68
CA LEU C 207 28.98 -22.79 19.48
C LEU C 207 28.94 -23.60 20.76
N ASN C 208 27.79 -23.61 21.43
CA ASN C 208 27.61 -24.36 22.67
C ASN C 208 27.81 -25.86 22.45
N GLU C 209 27.58 -26.31 21.22
CA GLU C 209 27.44 -27.72 20.88
C GLU C 209 28.77 -28.41 20.59
N ARG C 210 29.75 -27.71 20.00
CA ARG C 210 31.01 -28.34 19.60
C ARG C 210 32.25 -27.73 20.24
N LEU C 211 32.13 -26.67 21.05
CA LEU C 211 33.27 -26.10 21.75
C LEU C 211 33.69 -26.93 22.98
N PRO C 212 32.78 -27.29 23.89
CA PRO C 212 33.17 -28.15 25.03
C PRO C 212 33.90 -29.42 24.61
N PRO C 213 33.48 -30.11 23.55
CA PRO C 213 34.20 -31.34 23.17
C PRO C 213 35.69 -31.20 23.00
N ALA C 214 36.15 -30.21 22.25
CA ALA C 214 37.57 -30.08 21.98
C ALA C 214 38.29 -29.27 23.04
N LEU C 215 37.57 -28.52 23.87
CA LEU C 215 38.22 -27.77 24.93
C LEU C 215 38.59 -28.67 26.10
N LYS C 216 37.70 -29.61 26.48
CA LYS C 216 37.96 -30.51 27.59
C LYS C 216 38.92 -31.63 27.20
N GLN C 217 39.44 -31.63 25.98
CA GLN C 217 40.50 -32.56 25.59
C GLN C 217 41.83 -31.84 25.35
N LEU C 218 42.02 -30.67 25.95
CA LEU C 218 43.29 -29.97 25.86
C LEU C 218 44.09 -30.13 27.14
N GLU C 219 45.35 -30.58 27.01
CA GLU C 219 46.25 -30.79 28.15
C GLU C 219 47.09 -29.53 28.38
N VAL C 220 46.40 -28.47 28.76
CA VAL C 220 46.98 -27.16 28.98
C VAL C 220 46.13 -26.63 30.13
N PRO C 221 46.58 -25.67 30.91
CA PRO C 221 45.66 -25.11 31.90
C PRO C 221 44.80 -24.03 31.27
N LEU C 222 43.48 -24.21 31.30
CA LEU C 222 42.60 -23.23 30.71
C LEU C 222 41.73 -22.67 31.81
N ASN C 223 41.14 -21.52 31.55
CA ASN C 223 40.15 -20.98 32.46
C ASN C 223 39.04 -20.49 31.52
N ILE C 224 38.07 -21.36 31.30
CA ILE C 224 37.09 -21.19 30.24
C ILE C 224 35.94 -20.36 30.78
N PHE C 225 35.64 -19.26 30.10
CA PHE C 225 34.46 -18.45 30.38
C PHE C 225 33.57 -18.50 29.16
N HIS C 226 32.40 -19.13 29.30
CA HIS C 226 31.50 -19.46 28.21
C HIS C 226 30.19 -18.70 28.38
N GLN C 227 29.80 -17.95 27.36
CA GLN C 227 28.56 -17.21 27.37
C GLN C 227 27.57 -18.01 26.52
N CYS C 228 26.55 -18.57 27.16
CA CYS C 228 25.69 -19.62 26.62
C CYS C 228 24.43 -19.12 25.92
N GLY C 229 23.84 -18.05 26.42
CA GLY C 229 22.52 -17.61 25.99
C GLY C 229 21.44 -18.25 26.85
N GLN C 230 20.36 -17.51 27.05
CA GLN C 230 19.35 -17.92 28.02
C GLN C 230 18.68 -19.23 27.59
N GLN C 231 18.28 -20.02 28.59
CA GLN C 231 17.66 -21.34 28.43
C GLN C 231 18.58 -22.36 27.76
N GLN C 232 19.85 -22.04 27.53
CA GLN C 232 20.81 -23.01 27.04
C GLN C 232 21.87 -23.38 28.08
N VAL C 233 21.76 -22.88 29.31
CA VAL C 233 22.85 -22.98 30.27
C VAL C 233 23.08 -24.42 30.69
N GLU C 234 22.03 -25.09 31.14
CA GLU C 234 22.18 -26.44 31.69
C GLU C 234 22.76 -27.38 30.64
N ALA C 235 22.28 -27.29 29.40
CA ALA C 235 22.61 -28.27 28.38
C ALA C 235 24.10 -28.35 28.14
N THR C 236 24.76 -27.19 28.04
CA THR C 236 26.19 -27.21 27.73
C THR C 236 27.00 -27.63 28.93
N GLN C 237 26.56 -27.25 30.14
CA GLN C 237 27.26 -27.67 31.33
C GLN C 237 27.33 -29.18 31.41
N ALA C 238 26.34 -29.87 30.84
CA ALA C 238 26.43 -31.31 30.68
C ALA C 238 27.56 -31.69 29.73
N LEU C 239 27.74 -30.92 28.64
CA LEU C 239 28.83 -31.19 27.71
C LEU C 239 30.21 -31.01 28.36
N TYR C 240 30.33 -30.06 29.31
CA TYR C 240 31.62 -29.75 29.93
C TYR C 240 32.01 -30.74 31.02
N ALA C 241 31.09 -31.06 31.93
CA ALA C 241 31.45 -31.79 33.16
C ALA C 241 32.04 -33.17 32.89
N ASP C 242 31.91 -33.68 31.66
CA ASP C 242 32.53 -34.94 31.26
C ASP C 242 34.04 -34.76 31.13
N ALA C 243 34.81 -35.34 32.03
CA ALA C 243 36.27 -35.23 32.04
C ALA C 243 36.90 -33.83 31.85
N PRO C 244 36.50 -32.80 32.64
CA PRO C 244 37.22 -31.53 32.58
C PRO C 244 38.37 -31.58 33.59
N ALA C 245 39.56 -32.02 33.17
CA ALA C 245 40.63 -32.30 34.15
C ALA C 245 41.14 -31.06 34.86
N ASN C 246 41.28 -29.95 34.16
CA ASN C 246 42.08 -28.86 34.67
C ASN C 246 41.58 -27.51 34.15
N LEU C 247 40.28 -27.40 33.91
CA LEU C 247 39.80 -26.30 33.08
C LEU C 247 39.08 -25.17 33.82
N THR C 248 38.61 -25.35 35.06
CA THR C 248 38.00 -24.24 35.82
C THR C 248 36.95 -23.49 35.00
N ILE C 249 35.98 -24.23 34.49
CA ILE C 249 34.99 -23.70 33.56
C ILE C 249 33.90 -22.96 34.32
N GLN C 250 33.42 -21.87 33.74
CA GLN C 250 32.24 -21.17 34.19
C GLN C 250 31.36 -20.90 32.99
N VAL C 251 30.09 -21.26 33.08
CA VAL C 251 29.10 -21.00 32.03
C VAL C 251 28.09 -20.00 32.56
N LEU C 252 27.77 -19.00 31.75
CA LEU C 252 26.84 -17.94 32.06
C LEU C 252 26.01 -17.72 30.82
N PRO C 253 24.75 -17.27 30.94
CA PRO C 253 23.94 -17.04 29.74
C PRO C 253 24.31 -15.77 28.98
N PHE C 254 24.40 -14.62 29.65
CA PHE C 254 24.84 -13.39 29.00
C PHE C 254 25.82 -12.66 29.91
N ILE C 255 26.64 -11.82 29.30
CA ILE C 255 27.70 -11.08 29.99
C ILE C 255 27.26 -9.64 30.21
N GLU C 256 27.05 -9.28 31.48
CA GLU C 256 26.60 -7.94 31.84
C GLU C 256 27.63 -6.90 31.45
N ASP C 257 28.88 -7.15 31.77
CA ASP C 257 29.96 -6.21 31.47
C ASP C 257 30.86 -6.94 30.48
N MET C 258 30.63 -6.68 29.19
CA MET C 258 31.38 -7.32 28.12
C MET C 258 32.78 -6.75 28.00
N ALA C 259 32.94 -5.47 28.31
CA ALA C 259 34.25 -4.83 28.21
C ALA C 259 35.26 -5.49 29.16
N LYS C 260 34.83 -5.85 30.37
CA LYS C 260 35.71 -6.58 31.28
C LYS C 260 36.19 -7.89 30.65
N ALA C 261 35.25 -8.61 30.01
CA ALA C 261 35.55 -9.92 29.43
C ALA C 261 36.64 -9.85 28.36
N TYR C 262 36.73 -8.74 27.63
CA TYR C 262 37.72 -8.61 26.56
C TYR C 262 39.14 -8.59 27.12
N SER C 263 39.40 -7.69 28.07
CA SER C 263 40.74 -7.50 28.59
C SER C 263 41.27 -8.79 29.19
N GLU C 264 40.44 -9.45 29.99
CA GLU C 264 40.82 -10.72 30.60
C GLU C 264 40.90 -11.84 29.56
N ALA C 265 40.22 -11.70 28.42
CA ALA C 265 40.19 -12.75 27.42
C ALA C 265 41.54 -12.87 26.72
N ASP C 266 42.13 -14.06 26.79
CA ASP C 266 43.39 -14.33 26.10
C ASP C 266 43.16 -14.90 24.71
N LEU C 267 42.08 -15.66 24.53
CA LEU C 267 41.57 -16.08 23.23
C LEU C 267 40.07 -15.92 23.27
N ILE C 268 39.50 -15.33 22.24
CA ILE C 268 38.04 -15.19 22.15
C ILE C 268 37.57 -16.03 20.99
N ILE C 269 36.43 -16.71 21.19
CA ILE C 269 35.80 -17.52 20.16
C ILE C 269 34.40 -16.98 19.96
N CYS C 270 34.09 -16.54 18.76
CA CYS C 270 32.83 -15.82 18.63
C CYS C 270 32.44 -15.70 17.17
N ARG C 271 31.17 -15.35 16.98
CA ARG C 271 30.63 -15.03 15.67
C ARG C 271 31.31 -13.77 15.16
N ALA C 272 31.63 -13.74 13.87
CA ALA C 272 32.26 -12.56 13.27
C ALA C 272 31.21 -11.56 12.82
N GLY C 273 30.49 -11.03 13.78
CA GLY C 273 29.55 -9.96 13.52
C GLY C 273 30.19 -8.76 12.84
N ALA C 274 29.42 -7.73 12.62
CA ALA C 274 30.02 -6.54 12.04
C ALA C 274 30.56 -5.64 13.15
N LEU C 275 29.75 -5.41 14.17
CA LEU C 275 30.22 -4.57 15.27
C LEU C 275 31.23 -5.32 16.11
N THR C 276 31.01 -6.61 16.34
CA THR C 276 31.91 -7.36 17.21
C THR C 276 33.28 -7.59 16.57
N VAL C 277 33.39 -7.62 15.25
CA VAL C 277 34.75 -7.70 14.66
C VAL C 277 35.55 -6.47 15.03
N THR C 278 34.95 -5.28 14.87
CA THR C 278 35.67 -4.05 15.18
C THR C 278 35.93 -3.93 16.67
N GLU C 279 35.08 -4.52 17.52
CA GLU C 279 35.35 -4.49 18.96
C GLU C 279 36.57 -5.33 19.29
N VAL C 280 36.63 -6.56 18.78
CA VAL C 280 37.80 -7.41 19.01
C VAL C 280 39.07 -6.74 18.48
N ALA C 281 38.95 -6.02 17.37
CA ALA C 281 40.12 -5.33 16.83
C ALA C 281 40.50 -4.14 17.70
N THR C 282 39.50 -3.41 18.15
CA THR C 282 39.75 -2.23 18.96
C THR C 282 40.43 -2.58 20.27
N ALA C 283 40.04 -3.68 20.88
CA ALA C 283 40.63 -4.11 22.14
C ALA C 283 41.83 -5.01 21.93
N GLY C 284 42.15 -5.30 20.68
CA GLY C 284 43.30 -6.12 20.37
C GLY C 284 43.39 -7.50 21.00
N VAL C 285 42.30 -8.25 20.96
CA VAL C 285 42.29 -9.59 21.52
C VAL C 285 42.37 -10.66 20.43
N ALA C 286 43.12 -11.73 20.66
CA ALA C 286 43.24 -12.80 19.68
C ALA C 286 41.87 -13.44 19.53
N ALA C 287 41.52 -13.84 18.32
CA ALA C 287 40.17 -14.34 18.12
C ALA C 287 40.19 -15.51 17.15
N VAL C 288 39.33 -16.48 17.38
CA VAL C 288 39.06 -17.48 16.38
C VAL C 288 37.59 -17.32 15.97
N PHE C 289 37.38 -16.73 14.79
CA PHE C 289 36.05 -16.35 14.30
C PHE C 289 35.39 -17.52 13.61
N VAL C 290 34.19 -17.84 14.06
CA VAL C 290 33.39 -18.88 13.42
C VAL C 290 32.18 -18.14 12.84
N PRO C 291 32.32 -17.60 11.64
CA PRO C 291 31.32 -16.65 11.13
C PRO C 291 29.97 -17.31 10.97
N LEU C 292 28.93 -16.51 11.13
CA LEU C 292 27.58 -17.01 10.95
C LEU C 292 27.41 -17.44 9.50
N PRO C 293 26.90 -18.64 9.24
CA PRO C 293 26.97 -19.20 7.87
C PRO C 293 25.96 -18.67 6.86
N ILE C 294 24.86 -18.04 7.28
CA ILE C 294 23.85 -17.55 6.34
C ILE C 294 24.12 -16.12 5.85
N ALA C 295 24.77 -15.28 6.64
CA ALA C 295 25.07 -13.91 6.23
C ALA C 295 26.03 -13.81 5.01
N HIS C 299 29.11 -13.27 3.66
CA HIS C 299 29.19 -11.86 4.07
C HIS C 299 29.72 -11.63 5.51
N GLN C 300 29.32 -12.50 6.43
CA GLN C 300 29.89 -12.47 7.77
C GLN C 300 31.29 -13.03 7.75
N THR C 301 31.53 -14.01 6.88
CA THR C 301 32.86 -14.59 6.70
C THR C 301 33.85 -13.54 6.20
N ALA C 302 33.40 -12.59 5.38
CA ALA C 302 34.28 -11.55 4.87
C ALA C 302 34.77 -10.63 5.98
N ASN C 303 33.94 -10.42 7.01
CA ASN C 303 34.36 -9.69 8.21
C ASN C 303 35.51 -10.38 8.94
N ALA C 304 35.47 -11.69 9.10
CA ALA C 304 36.60 -12.33 9.75
C ALA C 304 37.84 -12.23 8.87
N LYS C 305 37.70 -12.44 7.56
CA LYS C 305 38.89 -12.46 6.72
C LYS C 305 39.66 -11.15 6.79
N PHE C 306 39.07 -10.07 7.29
CA PHE C 306 39.85 -8.84 7.46
C PHE C 306 40.98 -9.06 8.43
N LEU C 307 40.67 -9.52 9.65
CA LEU C 307 41.68 -9.79 10.65
C LEU C 307 42.42 -11.07 10.35
N ALA C 308 41.78 -12.03 9.71
CA ALA C 308 42.45 -13.30 9.45
C ALA C 308 43.62 -13.12 8.51
N ASP C 309 43.43 -12.35 7.45
CA ASP C 309 44.42 -12.26 6.38
C ASP C 309 45.62 -11.40 6.75
N ILE C 310 45.43 -10.07 6.83
CA ILE C 310 46.57 -9.20 7.11
C ILE C 310 46.90 -9.19 8.58
N GLY C 311 45.97 -9.53 9.43
CA GLY C 311 46.24 -9.69 10.84
C GLY C 311 46.64 -11.11 11.20
N ALA C 312 46.37 -11.45 12.45
CA ALA C 312 46.69 -12.78 12.89
C ALA C 312 45.52 -13.55 13.54
N ALA C 313 44.33 -12.98 13.68
CA ALA C 313 43.26 -13.80 14.24
C ALA C 313 42.80 -14.88 13.23
N LYS C 314 42.40 -16.07 13.74
CA LYS C 314 42.13 -17.29 12.97
C LYS C 314 40.66 -17.48 12.62
N ILE C 315 40.37 -18.10 11.48
CA ILE C 315 38.99 -18.27 11.04
C ILE C 315 38.66 -19.75 10.76
N CYS C 316 37.61 -20.25 11.39
CA CYS C 316 37.23 -21.65 11.37
C CYS C 316 35.81 -21.81 10.88
N GLN C 317 35.63 -22.33 9.66
CA GLN C 317 34.29 -22.33 9.05
C GLN C 317 33.36 -23.27 9.79
N GLN C 318 32.11 -22.82 9.98
CA GLN C 318 31.13 -23.59 10.75
C GLN C 318 30.70 -24.87 10.03
N SER C 319 30.43 -24.76 8.73
CA SER C 319 29.85 -25.88 8.00
C SER C 319 30.75 -27.11 8.07
N THR C 320 32.05 -26.93 7.85
CA THR C 320 33.02 -28.00 7.86
C THR C 320 33.56 -28.26 9.27
N MET C 321 33.06 -27.54 10.26
CA MET C 321 33.65 -27.60 11.57
C MET C 321 33.28 -28.88 12.28
N THR C 322 34.30 -29.60 12.73
CA THR C 322 34.13 -30.85 13.43
C THR C 322 34.94 -30.79 14.72
N PRO C 323 34.58 -31.60 15.72
CA PRO C 323 35.46 -31.70 16.90
C PRO C 323 36.89 -32.08 16.56
N GLU C 324 37.12 -32.83 15.48
CA GLU C 324 38.47 -33.28 15.17
C GLU C 324 39.37 -32.16 14.62
N VAL C 325 38.83 -31.25 13.78
CA VAL C 325 39.66 -30.14 13.28
C VAL C 325 39.89 -29.11 14.37
N LEU C 326 38.96 -29.01 15.32
CA LEU C 326 39.08 -28.06 16.42
C LEU C 326 40.38 -28.25 17.21
N ASN C 327 40.67 -29.51 17.56
CA ASN C 327 41.90 -29.79 18.30
C ASN C 327 43.13 -29.39 17.49
N GLN C 328 43.08 -29.60 16.18
CA GLN C 328 44.23 -29.28 15.35
C GLN C 328 44.44 -27.76 15.28
N LEU C 329 43.35 -27.00 15.30
CA LEU C 329 43.41 -25.55 15.40
C LEU C 329 43.84 -25.09 16.81
N PHE C 330 43.23 -25.67 17.86
CA PHE C 330 43.52 -25.27 19.24
C PHE C 330 44.93 -25.70 19.67
N THR C 331 45.37 -26.88 19.23
CA THR C 331 46.72 -27.33 19.57
C THR C 331 47.73 -26.24 19.28
N THR C 332 47.64 -25.62 18.12
CA THR C 332 48.59 -24.57 17.76
C THR C 332 48.24 -23.22 18.37
N LEU C 333 47.04 -23.04 18.89
CA LEU C 333 46.66 -21.73 19.40
C LEU C 333 46.85 -21.59 20.91
N MET C 334 47.21 -22.66 21.61
CA MET C 334 47.23 -22.62 23.06
C MET C 334 48.50 -22.00 23.68
N ASN C 335 49.41 -21.42 22.92
CA ASN C 335 50.55 -20.72 23.51
C ASN C 335 50.31 -19.21 23.49
N ARG C 336 50.57 -18.58 24.65
CA ARG C 336 50.28 -17.16 24.86
C ARG C 336 51.11 -16.24 23.98
N GLN C 337 52.32 -16.63 23.58
CA GLN C 337 53.09 -15.79 22.65
C GLN C 337 52.37 -15.65 21.32
N LEU C 338 51.84 -16.75 20.80
CA LEU C 338 51.14 -16.70 19.52
C LEU C 338 49.89 -15.86 19.64
N LEU C 339 49.14 -16.00 20.73
CA LEU C 339 47.96 -15.17 20.92
C LEU C 339 48.34 -13.70 21.05
N THR C 340 49.43 -13.39 21.76
CA THR C 340 49.83 -12.00 21.90
C THR C 340 50.24 -11.41 20.57
N GLU C 341 51.08 -12.14 19.84
CA GLU C 341 51.48 -11.71 18.51
C GLU C 341 50.26 -11.43 17.65
N MET C 342 49.23 -12.26 17.79
CA MET C 342 47.98 -12.07 17.08
C MET C 342 47.27 -10.82 17.53
N ALA C 343 47.04 -10.69 18.84
CA ALA C 343 46.23 -9.58 19.33
C ALA C 343 46.92 -8.24 19.15
N VAL C 344 48.24 -8.23 19.08
CA VAL C 344 48.96 -7.00 18.75
C VAL C 344 48.65 -6.60 17.31
N LYS C 345 48.72 -7.56 16.37
CA LYS C 345 48.44 -7.24 14.95
C LYS C 345 47.00 -6.79 14.78
N ALA C 346 46.07 -7.41 15.50
CA ALA C 346 44.66 -7.04 15.37
C ALA C 346 44.41 -5.62 15.86
N ARG C 347 45.01 -5.26 16.99
CA ARG C 347 44.84 -3.92 17.56
C ARG C 347 45.48 -2.85 16.68
N GLN C 348 46.53 -3.21 15.95
CA GLN C 348 47.20 -2.25 15.07
C GLN C 348 46.25 -1.75 14.01
N HIS C 349 45.38 -2.62 13.50
CA HIS C 349 44.52 -2.32 12.36
C HIS C 349 43.21 -1.61 12.72
N ALA C 350 42.80 -1.61 13.99
CA ALA C 350 41.54 -0.97 14.38
C ALA C 350 41.49 0.50 13.94
N GLN C 351 40.26 1.00 13.73
CA GLN C 351 39.99 2.39 13.37
C GLN C 351 39.30 3.08 14.54
N PRO C 352 40.03 3.79 15.43
CA PRO C 352 39.37 4.43 16.58
C PRO C 352 38.95 5.85 16.23
N ASN C 353 38.30 6.55 17.16
CA ASN C 353 37.67 7.84 16.86
C ASN C 353 37.07 7.82 15.46
N ALA C 354 36.30 6.80 15.16
CA ALA C 354 35.70 6.73 13.85
C ALA C 354 34.30 7.32 13.89
N THR C 355 33.61 7.25 15.04
CA THR C 355 32.35 7.96 15.23
C THR C 355 32.50 9.44 14.93
N GLN C 356 33.58 10.04 15.45
CA GLN C 356 33.86 11.45 15.22
C GLN C 356 34.35 11.70 13.79
N HIS C 357 34.99 10.72 13.18
CA HIS C 357 35.45 10.88 11.80
C HIS C 357 34.27 10.97 10.82
N VAL C 358 33.21 10.21 11.09
CA VAL C 358 32.01 10.27 10.25
C VAL C 358 31.25 11.57 10.47
N VAL C 359 31.17 12.05 11.71
CA VAL C 359 30.49 13.32 11.96
C VAL C 359 31.15 14.44 11.15
N ASP C 360 32.47 14.45 11.06
CA ASP C 360 33.14 15.50 10.30
C ASP C 360 32.77 15.46 8.83
N LEU C 361 32.75 14.27 8.23
CA LEU C 361 32.40 14.14 6.82
C LEU C 361 30.98 14.66 6.54
N ILE C 362 30.06 14.37 7.46
CA ILE C 362 28.69 14.85 7.34
C ILE C 362 28.65 16.37 7.29
N GLN C 363 29.36 17.02 8.21
CA GLN C 363 29.30 18.48 8.34
C GLN C 363 29.90 19.20 7.15
N LYS C 364 30.93 18.64 6.52
CA LYS C 364 31.48 19.24 5.30
C LYS C 364 30.71 18.71 4.08
N MET C 365 29.46 19.15 3.98
CA MET C 365 28.55 18.77 2.90
C MET C 365 27.58 19.91 2.66
#